data_1BAE
# 
_entry.id   1BAE 
# 
_audit_conform.dict_name       mmcif_pdbx.dic 
_audit_conform.dict_version    5.390 
_audit_conform.dict_location   http://mmcif.pdb.org/dictionaries/ascii/mmcif_pdbx.dic 
# 
loop_
_database_2.database_id 
_database_2.database_code 
_database_2.pdbx_database_accession 
_database_2.pdbx_DOI 
PDB   1BAE         pdb_00001bae 10.2210/pdb1bae/pdb 
WWPDB D_1000171523 ?            ?                   
# 
loop_
_pdbx_audit_revision_history.ordinal 
_pdbx_audit_revision_history.data_content_type 
_pdbx_audit_revision_history.major_revision 
_pdbx_audit_revision_history.minor_revision 
_pdbx_audit_revision_history.revision_date 
1 'Structure model' 1 0 1998-01-14 
2 'Structure model' 1 1 2008-03-24 
3 'Structure model' 1 2 2011-07-13 
4 'Structure model' 1 3 2018-03-14 
5 'Structure model' 1 4 2024-04-10 
# 
_pdbx_audit_revision_details.ordinal             1 
_pdbx_audit_revision_details.revision_ordinal    1 
_pdbx_audit_revision_details.data_content_type   'Structure model' 
_pdbx_audit_revision_details.provider            repository 
_pdbx_audit_revision_details.type                'Initial release' 
_pdbx_audit_revision_details.description         ? 
_pdbx_audit_revision_details.details             ? 
# 
loop_
_pdbx_audit_revision_group.ordinal 
_pdbx_audit_revision_group.revision_ordinal 
_pdbx_audit_revision_group.data_content_type 
_pdbx_audit_revision_group.group 
1  2 'Structure model' 'Version format compliance' 
2  3 'Structure model' 'Version format compliance' 
3  4 'Structure model' 'Data collection'           
4  4 'Structure model' 'Database references'       
5  4 'Structure model' 'Derived calculations'      
6  4 'Structure model' 'Experimental preparation'  
7  4 'Structure model' Other                       
8  4 'Structure model' 'Source and taxonomy'       
9  5 'Structure model' 'Data collection'           
10 5 'Structure model' 'Database references'       
11 5 'Structure model' 'Derived calculations'      
# 
loop_
_pdbx_audit_revision_category.ordinal 
_pdbx_audit_revision_category.revision_ordinal 
_pdbx_audit_revision_category.data_content_type 
_pdbx_audit_revision_category.category 
1  4 'Structure model' citation                         
2  4 'Structure model' ndb_struct_conf_na               
3  4 'Structure model' pdbx_database_status             
4  4 'Structure model' pdbx_entity_src_syn              
5  4 'Structure model' pdbx_nmr_ensemble                
6  4 'Structure model' pdbx_nmr_exptl                   
7  4 'Structure model' pdbx_nmr_exptl_sample            
8  4 'Structure model' pdbx_nmr_exptl_sample_conditions 
9  4 'Structure model' pdbx_nmr_representative          
10 4 'Structure model' pdbx_nmr_sample_details          
11 4 'Structure model' pdbx_nmr_software                
12 4 'Structure model' pdbx_nmr_spectrometer            
13 4 'Structure model' pdbx_struct_assembly             
14 4 'Structure model' pdbx_struct_assembly_prop        
15 4 'Structure model' pdbx_struct_oper_list            
16 5 'Structure model' chem_comp_atom                   
17 5 'Structure model' chem_comp_bond                   
18 5 'Structure model' database_2                       
19 5 'Structure model' struct_conn                      
# 
loop_
_pdbx_audit_revision_item.ordinal 
_pdbx_audit_revision_item.revision_ordinal 
_pdbx_audit_revision_item.data_content_type 
_pdbx_audit_revision_item.item 
1  4 'Structure model' '_citation.page_last'                             
2  4 'Structure model' '_citation.pdbx_database_id_DOI'                  
3  4 'Structure model' '_citation.pdbx_database_id_PubMed'               
4  4 'Structure model' '_pdbx_database_status.process_site'              
5  4 'Structure model' '_pdbx_nmr_ensemble.conformer_selection_criteria' 
6  4 'Structure model' '_pdbx_nmr_exptl_sample_conditions.label'         
7  4 'Structure model' '_pdbx_nmr_exptl_sample_conditions.pH_units'      
8  4 'Structure model' '_pdbx_nmr_exptl_sample_conditions.pressure'      
9  4 'Structure model' '_pdbx_nmr_software.authors'                      
10 5 'Structure model' '_database_2.pdbx_DOI'                            
11 5 'Structure model' '_database_2.pdbx_database_accession'             
12 5 'Structure model' '_struct_conn.pdbx_leaving_atom_flag'             
# 
_pdbx_database_status.status_code                     REL 
_pdbx_database_status.entry_id                        1BAE 
_pdbx_database_status.recvd_initial_deposition_date   1997-07-28 
_pdbx_database_status.deposit_site                    ? 
_pdbx_database_status.process_site                    BNL 
_pdbx_database_status.SG_entry                        . 
_pdbx_database_status.pdb_format_compatible           Y 
_pdbx_database_status.status_code_mr                  ? 
_pdbx_database_status.status_code_sf                  ? 
_pdbx_database_status.status_code_cs                  ? 
_pdbx_database_status.methods_development_category    ? 
_pdbx_database_status.status_code_nmr_data            ? 
# 
loop_
_audit_author.name 
_audit_author.pdbx_ordinal 
_audit_author.identifier_ORCID 
'Nonin, S.'   1 ? 
'Tuan, A.P.'  2 ? 
'Leroy, J.L.' 3 ? 
# 
loop_
_citation.id 
_citation.title 
_citation.journal_abbrev 
_citation.journal_volume 
_citation.page_first 
_citation.page_last 
_citation.year 
_citation.journal_id_ASTM 
_citation.country 
_citation.journal_id_ISSN 
_citation.journal_id_CSD 
_citation.book_publisher 
_citation.pdbx_database_id_PubMed 
_citation.pdbx_database_id_DOI 
primary 
;Solution structure and base pair opening kinetics of the i-motif dimer of d(5mCCTTTACC): a noncanonical structure with possible roles in chromosome stability.
;
Structure   5   1231 1246 1997 STRUE6 UK 0969-2126 2005 ? 9331414 '10.1016/S0969-2126(97)00273-6' 
1       'Structure and Conversion Kinetics of a Bi-Stable DNA I-Motif: Broken Symmetry in the [D(5Mcctcc)]4 Tetramer' J.Mol.Biol. 
261 399  414  1996 JMOBAK UK 0022-2836 0070 ? 8780782 10.1006/jmbi.1996.0472          
2       
;Solution Structures of the I-Motif Tetramers of D(Tcc), D(5Methylcct) and D(T5Methylcc): Novel Noe Connections between Amino Protons and Sugar Protons
;
Structure   3   101  120  1995 STRUE6 UK 0969-2126 2005 ? 7743125 ?                               
# 
loop_
_citation_author.citation_id 
_citation_author.name 
_citation_author.ordinal 
_citation_author.identifier_ORCID 
primary 'Nonin, S.'   1 ? 
primary 'Phan, A.T.'  2 ? 
primary 'Leroy, J.L.' 3 ? 
1       'Nonin, S.'   4 ? 
1       'Leroy, J.L.' 5 ? 
2       'Leroy, J.L.' 6 ? 
2       'Gueron, M.'  7 ? 
# 
_entity.id                         1 
_entity.type                       polymer 
_entity.src_method                 syn 
_entity.pdbx_description           
;DNA (5'-D(*MCYP*CP*TP*TP*TP*AP*CP*C)-3')
;
_entity.formula_weight             2271.602 
_entity.pdbx_number_of_molecules   2 
_entity.pdbx_ec                    ? 
_entity.pdbx_mutation              ? 
_entity.pdbx_fragment              ? 
_entity.details                    'I-MOTIF DIMER FORMED BY TWO D(5MCCTTTACC) STRANDS' 
# 
_entity_poly.entity_id                      1 
_entity_poly.type                           polydeoxyribonucleotide 
_entity_poly.nstd_linkage                   no 
_entity_poly.nstd_monomer                   yes 
_entity_poly.pdbx_seq_one_letter_code       '(MCY)(DC)(DT)(DT)(DT)(DA)(DC)(DC)' 
_entity_poly.pdbx_seq_one_letter_code_can   CCTTTACC 
_entity_poly.pdbx_strand_id                 A,B 
_entity_poly.pdbx_target_identifier         ? 
# 
loop_
_entity_poly_seq.entity_id 
_entity_poly_seq.num 
_entity_poly_seq.mon_id 
_entity_poly_seq.hetero 
1 1 MCY n 
1 2 DC  n 
1 3 DT  n 
1 4 DT  n 
1 5 DT  n 
1 6 DA  n 
1 7 DC  n 
1 8 DC  n 
# 
_pdbx_entity_src_syn.entity_id              1 
_pdbx_entity_src_syn.pdbx_src_id            1 
_pdbx_entity_src_syn.pdbx_alt_source_flag   sample 
_pdbx_entity_src_syn.pdbx_beg_seq_num       ? 
_pdbx_entity_src_syn.pdbx_end_seq_num       ? 
_pdbx_entity_src_syn.organism_scientific    'synthetic construct' 
_pdbx_entity_src_syn.organism_common_name   ? 
_pdbx_entity_src_syn.ncbi_taxonomy_id       32630 
_pdbx_entity_src_syn.details                ? 
# 
loop_
_chem_comp.id 
_chem_comp.type 
_chem_comp.mon_nstd_flag 
_chem_comp.name 
_chem_comp.pdbx_synonyms 
_chem_comp.formula 
_chem_comp.formula_weight 
DA  'DNA linking' y "2'-DEOXYADENOSINE-5'-MONOPHOSPHATE" ? 'C10 H14 N5 O6 P' 331.222 
DC  'DNA linking' y "2'-DEOXYCYTIDINE-5'-MONOPHOSPHATE"  ? 'C9 H14 N3 O7 P'  307.197 
DT  'DNA linking' y "THYMIDINE-5'-MONOPHOSPHATE"         ? 'C10 H15 N2 O8 P' 322.208 
MCY 'DNA linking' n "5-METHYL-2'-DEOXYCYTIDINE"          ? 'C10 H15 N3 O4'   241.244 
# 
loop_
_pdbx_poly_seq_scheme.asym_id 
_pdbx_poly_seq_scheme.entity_id 
_pdbx_poly_seq_scheme.seq_id 
_pdbx_poly_seq_scheme.mon_id 
_pdbx_poly_seq_scheme.ndb_seq_num 
_pdbx_poly_seq_scheme.pdb_seq_num 
_pdbx_poly_seq_scheme.auth_seq_num 
_pdbx_poly_seq_scheme.pdb_mon_id 
_pdbx_poly_seq_scheme.auth_mon_id 
_pdbx_poly_seq_scheme.pdb_strand_id 
_pdbx_poly_seq_scheme.pdb_ins_code 
_pdbx_poly_seq_scheme.hetero 
A 1 1 MCY 1 1 1 MCY MCY A . n 
A 1 2 DC  2 2 2 DC  C   A . n 
A 1 3 DT  3 3 3 DT  T   A . n 
A 1 4 DT  4 4 4 DT  T   A . n 
A 1 5 DT  5 5 5 DT  T   A . n 
A 1 6 DA  6 6 6 DA  A   A . n 
A 1 7 DC  7 7 7 DC  C   A . n 
A 1 8 DC  8 8 8 DC  C   A . n 
B 1 1 MCY 1 1 1 MCY MCY B . n 
B 1 2 DC  2 2 2 DC  C   B . n 
B 1 3 DT  3 3 3 DT  T   B . n 
B 1 4 DT  4 4 4 DT  T   B . n 
B 1 5 DT  5 5 5 DT  T   B . n 
B 1 6 DA  6 6 6 DA  A   B . n 
B 1 7 DC  7 7 7 DC  C   B . n 
B 1 8 DC  8 8 8 DC  C   B . n 
# 
loop_
_software.name 
_software.classification 
_software.version 
_software.citation_id 
_software.pdbx_ordinal 
X-PLOR 'model building' 3.1 ? 1 
X-PLOR refinement       3.1 ? 2 
X-PLOR phasing          3.1 ? 3 
# 
_cell.entry_id           1BAE 
_cell.length_a           1.000 
_cell.length_b           1.000 
_cell.length_c           1.000 
_cell.angle_alpha        90.00 
_cell.angle_beta         90.00 
_cell.angle_gamma        90.00 
_cell.Z_PDB              1 
_cell.pdbx_unique_axis   ? 
# 
_symmetry.entry_id                         1BAE 
_symmetry.space_group_name_H-M             'P 1' 
_symmetry.pdbx_full_space_group_name_H-M   ? 
_symmetry.cell_setting                     ? 
_symmetry.Int_Tables_number                1 
# 
_exptl.entry_id          1BAE 
_exptl.method            'SOLUTION NMR' 
_exptl.crystals_number   ? 
# 
_struct.entry_id                  1BAE 
_struct.title                     
;STRUCTURE OF DNA (5'-D 5MCCTTTACC-3')2, NMR, 1 STRUCTURE
;
_struct.pdbx_model_details        ? 
_struct.pdbx_CASP_flag            ? 
_struct.pdbx_model_type_details   ? 
# 
_struct_keywords.entry_id        1BAE 
_struct_keywords.pdbx_keywords   DNA 
_struct_keywords.text            'DEOXYRIBONUCLEIC ACID, DNA DIMER OF 5MCCTTTACC, I-MOTIF, DIMER, DNA' 
# 
loop_
_struct_asym.id 
_struct_asym.pdbx_blank_PDB_chainid_flag 
_struct_asym.pdbx_modified 
_struct_asym.entity_id 
_struct_asym.details 
A N N 1 ? 
B N N 1 ? 
# 
_struct_ref.id                         1 
_struct_ref.entity_id                  1 
_struct_ref.db_name                    PDB 
_struct_ref.db_code                    1BAE 
_struct_ref.pdbx_db_accession          1BAE 
_struct_ref.pdbx_db_isoform            ? 
_struct_ref.pdbx_seq_one_letter_code   ? 
_struct_ref.pdbx_align_begin           ? 
# 
loop_
_struct_ref_seq.align_id 
_struct_ref_seq.ref_id 
_struct_ref_seq.pdbx_PDB_id_code 
_struct_ref_seq.pdbx_strand_id 
_struct_ref_seq.seq_align_beg 
_struct_ref_seq.pdbx_seq_align_beg_ins_code 
_struct_ref_seq.seq_align_end 
_struct_ref_seq.pdbx_seq_align_end_ins_code 
_struct_ref_seq.pdbx_db_accession 
_struct_ref_seq.db_align_beg 
_struct_ref_seq.pdbx_db_align_beg_ins_code 
_struct_ref_seq.db_align_end 
_struct_ref_seq.pdbx_db_align_end_ins_code 
_struct_ref_seq.pdbx_auth_seq_align_beg 
_struct_ref_seq.pdbx_auth_seq_align_end 
1 1 1BAE A 1 ? 8 ? 1BAE 1 ? 8 ? 1 8 
2 1 1BAE B 1 ? 8 ? 1BAE 1 ? 8 ? 1 8 
# 
_pdbx_struct_assembly.id                   1 
_pdbx_struct_assembly.details              author_defined_assembly 
_pdbx_struct_assembly.method_details       ? 
_pdbx_struct_assembly.oligomeric_details   dimeric 
_pdbx_struct_assembly.oligomeric_count     2 
# 
loop_
_pdbx_struct_assembly_prop.biol_id 
_pdbx_struct_assembly_prop.type 
_pdbx_struct_assembly_prop.value 
_pdbx_struct_assembly_prop.details 
1 'ABSA (A^2)' 650  ? 
1 MORE         -6   ? 
1 'SSA (A^2)'  2890 ? 
# 
_pdbx_struct_assembly_gen.assembly_id       1 
_pdbx_struct_assembly_gen.oper_expression   1 
_pdbx_struct_assembly_gen.asym_id_list      A,B 
# 
_pdbx_struct_oper_list.id                   1 
_pdbx_struct_oper_list.type                 'identity operation' 
_pdbx_struct_oper_list.name                 1_555 
_pdbx_struct_oper_list.symmetry_operation   ? 
_pdbx_struct_oper_list.matrix[1][1]         1.0000000000 
_pdbx_struct_oper_list.matrix[1][2]         0.0000000000 
_pdbx_struct_oper_list.matrix[1][3]         0.0000000000 
_pdbx_struct_oper_list.vector[1]            0.0000000000 
_pdbx_struct_oper_list.matrix[2][1]         0.0000000000 
_pdbx_struct_oper_list.matrix[2][2]         1.0000000000 
_pdbx_struct_oper_list.matrix[2][3]         0.0000000000 
_pdbx_struct_oper_list.vector[2]            0.0000000000 
_pdbx_struct_oper_list.matrix[3][1]         0.0000000000 
_pdbx_struct_oper_list.matrix[3][2]         0.0000000000 
_pdbx_struct_oper_list.matrix[3][3]         1.0000000000 
_pdbx_struct_oper_list.vector[3]            0.0000000000 
# 
loop_
_struct_conn.id 
_struct_conn.conn_type_id 
_struct_conn.pdbx_leaving_atom_flag 
_struct_conn.pdbx_PDB_id 
_struct_conn.ptnr1_label_asym_id 
_struct_conn.ptnr1_label_comp_id 
_struct_conn.ptnr1_label_seq_id 
_struct_conn.ptnr1_label_atom_id 
_struct_conn.pdbx_ptnr1_label_alt_id 
_struct_conn.pdbx_ptnr1_PDB_ins_code 
_struct_conn.pdbx_ptnr1_standard_comp_id 
_struct_conn.ptnr1_symmetry 
_struct_conn.ptnr2_label_asym_id 
_struct_conn.ptnr2_label_comp_id 
_struct_conn.ptnr2_label_seq_id 
_struct_conn.ptnr2_label_atom_id 
_struct_conn.pdbx_ptnr2_label_alt_id 
_struct_conn.pdbx_ptnr2_PDB_ins_code 
_struct_conn.ptnr1_auth_asym_id 
_struct_conn.ptnr1_auth_comp_id 
_struct_conn.ptnr1_auth_seq_id 
_struct_conn.ptnr2_auth_asym_id 
_struct_conn.ptnr2_auth_comp_id 
_struct_conn.ptnr2_auth_seq_id 
_struct_conn.ptnr2_symmetry 
_struct_conn.pdbx_ptnr3_label_atom_id 
_struct_conn.pdbx_ptnr3_label_seq_id 
_struct_conn.pdbx_ptnr3_label_comp_id 
_struct_conn.pdbx_ptnr3_label_asym_id 
_struct_conn.pdbx_ptnr3_label_alt_id 
_struct_conn.pdbx_ptnr3_PDB_ins_code 
_struct_conn.details 
_struct_conn.pdbx_dist_value 
_struct_conn.pdbx_value_order 
_struct_conn.pdbx_role 
covale1 covale both ? A MCY 1 "O3'" ? ? ? 1_555 A DC  2 P  ? ? A MCY 1 A DC  2 1_555 ? ? ? ? ? ? ?            1.612 ? ? 
covale2 covale both ? B MCY 1 "O3'" ? ? ? 1_555 B DC  2 P  ? ? B MCY 1 B DC  2 1_555 ? ? ? ? ? ? ?            1.613 ? ? 
hydrog1 hydrog ?    ? A MCY 1 N4    ? ? ? 1_555 B DC  7 O2 ? ? A MCY 1 B DC  7 1_555 ? ? ? ? ? ? TYPE_15_PAIR ?     ? ? 
hydrog2 hydrog ?    ? A MCY 1 O2    ? ? ? 1_555 B DC  7 N4 ? ? A MCY 1 B DC  7 1_555 ? ? ? ? ? ? TYPE_15_PAIR ?     ? ? 
hydrog3 hydrog ?    ? A DC  2 N4    ? ? ? 1_555 B DC  8 O2 ? ? A DC  2 B DC  8 1_555 ? ? ? ? ? ? TYPE_15_PAIR ?     ? ? 
hydrog4 hydrog ?    ? A DC  2 O2    ? ? ? 1_555 B DC  8 N4 ? ? A DC  2 B DC  8 1_555 ? ? ? ? ? ? TYPE_15_PAIR ?     ? ? 
hydrog5 hydrog ?    ? A DC  7 N4    ? ? ? 1_555 B MCY 1 O2 ? ? A DC  7 B MCY 1 1_555 ? ? ? ? ? ? TYPE_15_PAIR ?     ? ? 
hydrog6 hydrog ?    ? A DC  7 O2    ? ? ? 1_555 B MCY 1 N4 ? ? A DC  7 B MCY 1 1_555 ? ? ? ? ? ? TYPE_15_PAIR ?     ? ? 
hydrog7 hydrog ?    ? A DC  8 N4    ? ? ? 1_555 B DC  2 O2 ? ? A DC  8 B DC  2 1_555 ? ? ? ? ? ? TYPE_15_PAIR ?     ? ? 
hydrog8 hydrog ?    ? A DC  8 O2    ? ? ? 1_555 B DC  2 N4 ? ? A DC  8 B DC  2 1_555 ? ? ? ? ? ? TYPE_15_PAIR ?     ? ? 
# 
loop_
_struct_conn_type.id 
_struct_conn_type.criteria 
_struct_conn_type.reference 
covale ? ? 
hydrog ? ? 
# 
loop_
_pdbx_validate_rmsd_angle.id 
_pdbx_validate_rmsd_angle.PDB_model_num 
_pdbx_validate_rmsd_angle.auth_atom_id_1 
_pdbx_validate_rmsd_angle.auth_asym_id_1 
_pdbx_validate_rmsd_angle.auth_comp_id_1 
_pdbx_validate_rmsd_angle.auth_seq_id_1 
_pdbx_validate_rmsd_angle.PDB_ins_code_1 
_pdbx_validate_rmsd_angle.label_alt_id_1 
_pdbx_validate_rmsd_angle.auth_atom_id_2 
_pdbx_validate_rmsd_angle.auth_asym_id_2 
_pdbx_validate_rmsd_angle.auth_comp_id_2 
_pdbx_validate_rmsd_angle.auth_seq_id_2 
_pdbx_validate_rmsd_angle.PDB_ins_code_2 
_pdbx_validate_rmsd_angle.label_alt_id_2 
_pdbx_validate_rmsd_angle.auth_atom_id_3 
_pdbx_validate_rmsd_angle.auth_asym_id_3 
_pdbx_validate_rmsd_angle.auth_comp_id_3 
_pdbx_validate_rmsd_angle.auth_seq_id_3 
_pdbx_validate_rmsd_angle.PDB_ins_code_3 
_pdbx_validate_rmsd_angle.label_alt_id_3 
_pdbx_validate_rmsd_angle.angle_value 
_pdbx_validate_rmsd_angle.angle_target_value 
_pdbx_validate_rmsd_angle.angle_deviation 
_pdbx_validate_rmsd_angle.angle_standard_deviation 
_pdbx_validate_rmsd_angle.linker_flag 
1  1 "O4'" A DC 2 ? ? "C1'" A DC 2 ? ? N1 A DC 2 ? ? 110.58 108.30 2.28 0.30 N 
2  1 "O4'" A DT 3 ? ? "C1'" A DT 3 ? ? N1 A DT 3 ? ? 110.97 108.30 2.67 0.30 N 
3  1 "O4'" A DT 4 ? ? "C1'" A DT 4 ? ? N1 A DT 4 ? ? 110.46 108.30 2.16 0.30 N 
4  1 "O4'" A DT 5 ? ? "C1'" A DT 5 ? ? N1 A DT 5 ? ? 111.26 108.30 2.96 0.30 N 
5  1 "O4'" A DA 6 ? ? "C1'" A DA 6 ? ? N9 A DA 6 ? ? 110.87 108.30 2.57 0.30 N 
6  1 N7    A DA 6 ? ? C8    A DA 6 ? ? N9 A DA 6 ? ? 117.80 113.80 4.00 0.50 N 
7  1 "O4'" A DC 7 ? ? "C1'" A DC 7 ? ? N1 A DC 7 ? ? 110.20 108.30 1.90 0.30 N 
8  1 "O4'" A DC 8 ? ? "C1'" A DC 8 ? ? N1 A DC 8 ? ? 110.74 108.30 2.44 0.30 N 
9  1 "O4'" B DC 2 ? ? "C1'" B DC 2 ? ? N1 B DC 2 ? ? 110.62 108.30 2.32 0.30 N 
10 1 "O4'" B DT 3 ? ? "C1'" B DT 3 ? ? N1 B DT 3 ? ? 110.99 108.30 2.69 0.30 N 
11 1 "O4'" B DT 4 ? ? "C1'" B DT 4 ? ? N1 B DT 4 ? ? 110.44 108.30 2.14 0.30 N 
12 1 "O4'" B DT 5 ? ? "C1'" B DT 5 ? ? N1 B DT 5 ? ? 111.34 108.30 3.04 0.30 N 
13 1 "O4'" B DA 6 ? ? "C1'" B DA 6 ? ? N9 B DA 6 ? ? 110.90 108.30 2.60 0.30 N 
14 1 N7    B DA 6 ? ? C8    B DA 6 ? ? N9 B DA 6 ? ? 117.77 113.80 3.97 0.50 N 
15 1 "O4'" B DC 7 ? ? "C1'" B DC 7 ? ? N1 B DC 7 ? ? 110.16 108.30 1.86 0.30 N 
16 1 "O4'" B DC 8 ? ? "C1'" B DC 8 ? ? N1 B DC 8 ? ? 110.74 108.30 2.44 0.30 N 
# 
loop_
_pdbx_struct_mod_residue.id 
_pdbx_struct_mod_residue.label_asym_id 
_pdbx_struct_mod_residue.label_comp_id 
_pdbx_struct_mod_residue.label_seq_id 
_pdbx_struct_mod_residue.auth_asym_id 
_pdbx_struct_mod_residue.auth_comp_id 
_pdbx_struct_mod_residue.auth_seq_id 
_pdbx_struct_mod_residue.PDB_ins_code 
_pdbx_struct_mod_residue.parent_comp_id 
_pdbx_struct_mod_residue.details 
1 A MCY 1 A MCY 1 ? DC "5-METHYL-2'-DEOXYCYTIDINE" 
2 B MCY 1 B MCY 1 ? DC "5-METHYL-2'-DEOXYCYTIDINE" 
# 
_pdbx_nmr_ensemble.entry_id                             1BAE 
_pdbx_nmr_ensemble.conformers_calculated_total_number   50 
_pdbx_nmr_ensemble.conformers_submitted_total_number    1 
_pdbx_nmr_ensemble.conformer_selection_criteria         'structures with the least restraint violations' 
# 
_pdbx_nmr_representative.conformer_id         1 
_pdbx_nmr_representative.entry_id             1BAE 
_pdbx_nmr_representative.selection_criteria   'fewest violations' 
# 
loop_
_pdbx_nmr_sample_details.contents 
_pdbx_nmr_sample_details.details 
_pdbx_nmr_sample_details.label 
_pdbx_nmr_sample_details.solution_id 
_pdbx_nmr_sample_details.solvent_system 
_pdbx_nmr_sample_details.type 
'8 mM d(5mCCTTTACC)' ? sample_1 1 '90% H2O/10% D2O' solution 
'8 mM d(5mCCTTTACC)' ? sample_2 2 99.99%            solution 
# 
loop_
_pdbx_nmr_exptl_sample.component 
_pdbx_nmr_exptl_sample.concentration 
_pdbx_nmr_exptl_sample.concentration_range 
_pdbx_nmr_exptl_sample.concentration_units 
_pdbx_nmr_exptl_sample.isotopic_labeling 
_pdbx_nmr_exptl_sample.solution_id 
'd(5mCCTTTACC)' 8 ? mM ? 1 
'd(5mCCTTTACC)' 8 ? mM ? 2 
# 
_pdbx_nmr_exptl_sample_conditions.conditions_id          1 
_pdbx_nmr_exptl_sample_conditions.temperature            270 
_pdbx_nmr_exptl_sample_conditions.pressure               ambient 
_pdbx_nmr_exptl_sample_conditions.pH                     4.3 
_pdbx_nmr_exptl_sample_conditions.ionic_strength         ? 
_pdbx_nmr_exptl_sample_conditions.pressure_units         . 
_pdbx_nmr_exptl_sample_conditions.temperature_units      K 
_pdbx_nmr_exptl_sample_conditions.label                  1 
_pdbx_nmr_exptl_sample_conditions.pH_units               pH 
_pdbx_nmr_exptl_sample_conditions.ionic_strength_units   ? 
# 
loop_
_pdbx_nmr_exptl.experiment_id 
_pdbx_nmr_exptl.conditions_id 
_pdbx_nmr_exptl.type 
_pdbx_nmr_exptl.solution_id 
1 1 NOESY 1 
2 1 NOESY 2 
3 1 TOCSY 2 
# 
_pdbx_nmr_refine.entry_id           1BAE 
_pdbx_nmr_refine.method             'simulated annealing' 
_pdbx_nmr_refine.details            ? 
_pdbx_nmr_refine.software_ordinal   1 
# 
loop_
_pdbx_nmr_software.classification 
_pdbx_nmr_software.name 
_pdbx_nmr_software.version 
_pdbx_nmr_software.authors 
_pdbx_nmr_software.ordinal 
refinement           X-PLOR 3.1 BRUNGER 1 
'structure solution' X-PLOR 3.1 BRUNGER 2 
# 
loop_
_chem_comp_atom.comp_id 
_chem_comp_atom.atom_id 
_chem_comp_atom.type_symbol 
_chem_comp_atom.pdbx_aromatic_flag 
_chem_comp_atom.pdbx_stereo_config 
_chem_comp_atom.pdbx_ordinal 
DA  OP3    O N N 1   
DA  P      P N N 2   
DA  OP1    O N N 3   
DA  OP2    O N N 4   
DA  "O5'"  O N N 5   
DA  "C5'"  C N N 6   
DA  "C4'"  C N R 7   
DA  "O4'"  O N N 8   
DA  "C3'"  C N S 9   
DA  "O3'"  O N N 10  
DA  "C2'"  C N N 11  
DA  "C1'"  C N R 12  
DA  N9     N Y N 13  
DA  C8     C Y N 14  
DA  N7     N Y N 15  
DA  C5     C Y N 16  
DA  C6     C Y N 17  
DA  N6     N N N 18  
DA  N1     N Y N 19  
DA  C2     C Y N 20  
DA  N3     N Y N 21  
DA  C4     C Y N 22  
DA  HOP3   H N N 23  
DA  HOP2   H N N 24  
DA  "H5'"  H N N 25  
DA  "H5''" H N N 26  
DA  "H4'"  H N N 27  
DA  "H3'"  H N N 28  
DA  "HO3'" H N N 29  
DA  "H2'"  H N N 30  
DA  "H2''" H N N 31  
DA  "H1'"  H N N 32  
DA  H8     H N N 33  
DA  H61    H N N 34  
DA  H62    H N N 35  
DA  H2     H N N 36  
DC  OP3    O N N 37  
DC  P      P N N 38  
DC  OP1    O N N 39  
DC  OP2    O N N 40  
DC  "O5'"  O N N 41  
DC  "C5'"  C N N 42  
DC  "C4'"  C N R 43  
DC  "O4'"  O N N 44  
DC  "C3'"  C N S 45  
DC  "O3'"  O N N 46  
DC  "C2'"  C N N 47  
DC  "C1'"  C N R 48  
DC  N1     N N N 49  
DC  C2     C N N 50  
DC  O2     O N N 51  
DC  N3     N N N 52  
DC  C4     C N N 53  
DC  N4     N N N 54  
DC  C5     C N N 55  
DC  C6     C N N 56  
DC  HOP3   H N N 57  
DC  HOP2   H N N 58  
DC  "H5'"  H N N 59  
DC  "H5''" H N N 60  
DC  "H4'"  H N N 61  
DC  "H3'"  H N N 62  
DC  "HO3'" H N N 63  
DC  "H2'"  H N N 64  
DC  "H2''" H N N 65  
DC  "H1'"  H N N 66  
DC  H41    H N N 67  
DC  H42    H N N 68  
DC  H5     H N N 69  
DC  H6     H N N 70  
DT  OP3    O N N 71  
DT  P      P N N 72  
DT  OP1    O N N 73  
DT  OP2    O N N 74  
DT  "O5'"  O N N 75  
DT  "C5'"  C N N 76  
DT  "C4'"  C N R 77  
DT  "O4'"  O N N 78  
DT  "C3'"  C N S 79  
DT  "O3'"  O N N 80  
DT  "C2'"  C N N 81  
DT  "C1'"  C N R 82  
DT  N1     N N N 83  
DT  C2     C N N 84  
DT  O2     O N N 85  
DT  N3     N N N 86  
DT  C4     C N N 87  
DT  O4     O N N 88  
DT  C5     C N N 89  
DT  C7     C N N 90  
DT  C6     C N N 91  
DT  HOP3   H N N 92  
DT  HOP2   H N N 93  
DT  "H5'"  H N N 94  
DT  "H5''" H N N 95  
DT  "H4'"  H N N 96  
DT  "H3'"  H N N 97  
DT  "HO3'" H N N 98  
DT  "H2'"  H N N 99  
DT  "H2''" H N N 100 
DT  "H1'"  H N N 101 
DT  H3     H N N 102 
DT  H71    H N N 103 
DT  H72    H N N 104 
DT  H73    H N N 105 
DT  H6     H N N 106 
MCY N1     N N N 107 
MCY C2     C N N 108 
MCY N3     N N N 109 
MCY C4     C N N 110 
MCY C5     C N N 111 
MCY C6     C N N 112 
MCY O2     O N N 113 
MCY N4     N N N 114 
MCY "C1'"  C N R 115 
MCY "C2'"  C N N 116 
MCY "C3'"  C N S 117 
MCY "C4'"  C N R 118 
MCY "O4'"  O N N 119 
MCY "O3'"  O N N 120 
MCY "C5'"  C N N 121 
MCY "O5'"  O N N 122 
MCY C5A    C N N 123 
MCY H6     H N N 124 
MCY HN41   H N N 125 
MCY HN42   H N N 126 
MCY "H1'"  H N N 127 
MCY "H2'"  H N N 128 
MCY "H2''" H N N 129 
MCY "H3'"  H N N 130 
MCY "H4'"  H N N 131 
MCY "HO3'" H N N 132 
MCY "H5'"  H N N 133 
MCY "H5''" H N N 134 
MCY "HO5'" H N N 135 
MCY H5A1   H N N 136 
MCY H5A2   H N N 137 
MCY H5A3   H N N 138 
# 
loop_
_chem_comp_bond.comp_id 
_chem_comp_bond.atom_id_1 
_chem_comp_bond.atom_id_2 
_chem_comp_bond.value_order 
_chem_comp_bond.pdbx_aromatic_flag 
_chem_comp_bond.pdbx_stereo_config 
_chem_comp_bond.pdbx_ordinal 
DA  OP3   P      sing N N 1   
DA  OP3   HOP3   sing N N 2   
DA  P     OP1    doub N N 3   
DA  P     OP2    sing N N 4   
DA  P     "O5'"  sing N N 5   
DA  OP2   HOP2   sing N N 6   
DA  "O5'" "C5'"  sing N N 7   
DA  "C5'" "C4'"  sing N N 8   
DA  "C5'" "H5'"  sing N N 9   
DA  "C5'" "H5''" sing N N 10  
DA  "C4'" "O4'"  sing N N 11  
DA  "C4'" "C3'"  sing N N 12  
DA  "C4'" "H4'"  sing N N 13  
DA  "O4'" "C1'"  sing N N 14  
DA  "C3'" "O3'"  sing N N 15  
DA  "C3'" "C2'"  sing N N 16  
DA  "C3'" "H3'"  sing N N 17  
DA  "O3'" "HO3'" sing N N 18  
DA  "C2'" "C1'"  sing N N 19  
DA  "C2'" "H2'"  sing N N 20  
DA  "C2'" "H2''" sing N N 21  
DA  "C1'" N9     sing N N 22  
DA  "C1'" "H1'"  sing N N 23  
DA  N9    C8     sing Y N 24  
DA  N9    C4     sing Y N 25  
DA  C8    N7     doub Y N 26  
DA  C8    H8     sing N N 27  
DA  N7    C5     sing Y N 28  
DA  C5    C6     sing Y N 29  
DA  C5    C4     doub Y N 30  
DA  C6    N6     sing N N 31  
DA  C6    N1     doub Y N 32  
DA  N6    H61    sing N N 33  
DA  N6    H62    sing N N 34  
DA  N1    C2     sing Y N 35  
DA  C2    N3     doub Y N 36  
DA  C2    H2     sing N N 37  
DA  N3    C4     sing Y N 38  
DC  OP3   P      sing N N 39  
DC  OP3   HOP3   sing N N 40  
DC  P     OP1    doub N N 41  
DC  P     OP2    sing N N 42  
DC  P     "O5'"  sing N N 43  
DC  OP2   HOP2   sing N N 44  
DC  "O5'" "C5'"  sing N N 45  
DC  "C5'" "C4'"  sing N N 46  
DC  "C5'" "H5'"  sing N N 47  
DC  "C5'" "H5''" sing N N 48  
DC  "C4'" "O4'"  sing N N 49  
DC  "C4'" "C3'"  sing N N 50  
DC  "C4'" "H4'"  sing N N 51  
DC  "O4'" "C1'"  sing N N 52  
DC  "C3'" "O3'"  sing N N 53  
DC  "C3'" "C2'"  sing N N 54  
DC  "C3'" "H3'"  sing N N 55  
DC  "O3'" "HO3'" sing N N 56  
DC  "C2'" "C1'"  sing N N 57  
DC  "C2'" "H2'"  sing N N 58  
DC  "C2'" "H2''" sing N N 59  
DC  "C1'" N1     sing N N 60  
DC  "C1'" "H1'"  sing N N 61  
DC  N1    C2     sing N N 62  
DC  N1    C6     sing N N 63  
DC  C2    O2     doub N N 64  
DC  C2    N3     sing N N 65  
DC  N3    C4     doub N N 66  
DC  C4    N4     sing N N 67  
DC  C4    C5     sing N N 68  
DC  N4    H41    sing N N 69  
DC  N4    H42    sing N N 70  
DC  C5    C6     doub N N 71  
DC  C5    H5     sing N N 72  
DC  C6    H6     sing N N 73  
DT  OP3   P      sing N N 74  
DT  OP3   HOP3   sing N N 75  
DT  P     OP1    doub N N 76  
DT  P     OP2    sing N N 77  
DT  P     "O5'"  sing N N 78  
DT  OP2   HOP2   sing N N 79  
DT  "O5'" "C5'"  sing N N 80  
DT  "C5'" "C4'"  sing N N 81  
DT  "C5'" "H5'"  sing N N 82  
DT  "C5'" "H5''" sing N N 83  
DT  "C4'" "O4'"  sing N N 84  
DT  "C4'" "C3'"  sing N N 85  
DT  "C4'" "H4'"  sing N N 86  
DT  "O4'" "C1'"  sing N N 87  
DT  "C3'" "O3'"  sing N N 88  
DT  "C3'" "C2'"  sing N N 89  
DT  "C3'" "H3'"  sing N N 90  
DT  "O3'" "HO3'" sing N N 91  
DT  "C2'" "C1'"  sing N N 92  
DT  "C2'" "H2'"  sing N N 93  
DT  "C2'" "H2''" sing N N 94  
DT  "C1'" N1     sing N N 95  
DT  "C1'" "H1'"  sing N N 96  
DT  N1    C2     sing N N 97  
DT  N1    C6     sing N N 98  
DT  C2    O2     doub N N 99  
DT  C2    N3     sing N N 100 
DT  N3    C4     sing N N 101 
DT  N3    H3     sing N N 102 
DT  C4    O4     doub N N 103 
DT  C4    C5     sing N N 104 
DT  C5    C7     sing N N 105 
DT  C5    C6     doub N N 106 
DT  C7    H71    sing N N 107 
DT  C7    H72    sing N N 108 
DT  C7    H73    sing N N 109 
DT  C6    H6     sing N N 110 
MCY N1    C2     sing N N 111 
MCY N1    C6     sing N N 112 
MCY N1    "C1'"  sing N N 113 
MCY C2    N3     sing N N 114 
MCY C2    O2     doub N N 115 
MCY N3    C4     doub N N 116 
MCY C4    C5     sing N N 117 
MCY C4    N4     sing N N 118 
MCY C5    C6     doub N N 119 
MCY C5    C5A    sing N N 120 
MCY C6    H6     sing N N 121 
MCY N4    HN41   sing N N 122 
MCY N4    HN42   sing N N 123 
MCY "C1'" "C2'"  sing N N 124 
MCY "C1'" "O4'"  sing N N 125 
MCY "C1'" "H1'"  sing N N 126 
MCY "C2'" "C3'"  sing N N 127 
MCY "C2'" "H2'"  sing N N 128 
MCY "C2'" "H2''" sing N N 129 
MCY "C3'" "C4'"  sing N N 130 
MCY "C3'" "O3'"  sing N N 131 
MCY "C3'" "H3'"  sing N N 132 
MCY "C4'" "O4'"  sing N N 133 
MCY "C4'" "C5'"  sing N N 134 
MCY "C4'" "H4'"  sing N N 135 
MCY "O3'" "HO3'" sing N N 136 
MCY "C5'" "O5'"  sing N N 137 
MCY "C5'" "H5'"  sing N N 138 
MCY "C5'" "H5''" sing N N 139 
MCY "O5'" "HO5'" sing N N 140 
MCY C5A   H5A1   sing N N 141 
MCY C5A   H5A2   sing N N 142 
MCY C5A   H5A3   sing N N 143 
# 
_ndb_struct_conf_na.entry_id   1BAE 
_ndb_struct_conf_na.feature    'double helix' 
# 
loop_
_ndb_struct_na_base_pair.model_number 
_ndb_struct_na_base_pair.i_label_asym_id 
_ndb_struct_na_base_pair.i_label_comp_id 
_ndb_struct_na_base_pair.i_label_seq_id 
_ndb_struct_na_base_pair.i_symmetry 
_ndb_struct_na_base_pair.j_label_asym_id 
_ndb_struct_na_base_pair.j_label_comp_id 
_ndb_struct_na_base_pair.j_label_seq_id 
_ndb_struct_na_base_pair.j_symmetry 
_ndb_struct_na_base_pair.shear 
_ndb_struct_na_base_pair.stretch 
_ndb_struct_na_base_pair.stagger 
_ndb_struct_na_base_pair.buckle 
_ndb_struct_na_base_pair.propeller 
_ndb_struct_na_base_pair.opening 
_ndb_struct_na_base_pair.pair_number 
_ndb_struct_na_base_pair.pair_name 
_ndb_struct_na_base_pair.i_auth_asym_id 
_ndb_struct_na_base_pair.i_auth_seq_id 
_ndb_struct_na_base_pair.i_PDB_ins_code 
_ndb_struct_na_base_pair.j_auth_asym_id 
_ndb_struct_na_base_pair.j_auth_seq_id 
_ndb_struct_na_base_pair.j_PDB_ins_code 
_ndb_struct_na_base_pair.hbond_type_28 
_ndb_struct_na_base_pair.hbond_type_12 
1 A DC  2 1_555 B DC 8 1_555 2.186 1.775 0.095  11.839 -2.758  179.963 1 A_DC2:DC8_B  A 2 ? B 8 ? 15 2 
1 B MCY 1 1_555 A DC 7 1_555 2.225 1.921 -0.098 -9.671 -13.582 178.921 2 B_MCY1:DC7_A B 1 ? A 7 ? 15 2 
1 A MCY 1 1_555 B DC 7 1_555 2.226 1.920 -0.100 -9.665 -13.591 178.921 3 A_MCY1:DC7_B A 1 ? B 7 ? 15 2 
1 B DC  2 1_555 A DC 8 1_555 2.186 1.777 0.093  11.821 -2.728  179.935 4 B_DC2:DC8_A  B 2 ? A 8 ? 15 2 
# 
loop_
_ndb_struct_na_base_pair_step.model_number 
_ndb_struct_na_base_pair_step.i_label_asym_id_1 
_ndb_struct_na_base_pair_step.i_label_comp_id_1 
_ndb_struct_na_base_pair_step.i_label_seq_id_1 
_ndb_struct_na_base_pair_step.i_symmetry_1 
_ndb_struct_na_base_pair_step.j_label_asym_id_1 
_ndb_struct_na_base_pair_step.j_label_comp_id_1 
_ndb_struct_na_base_pair_step.j_label_seq_id_1 
_ndb_struct_na_base_pair_step.j_symmetry_1 
_ndb_struct_na_base_pair_step.i_label_asym_id_2 
_ndb_struct_na_base_pair_step.i_label_comp_id_2 
_ndb_struct_na_base_pair_step.i_label_seq_id_2 
_ndb_struct_na_base_pair_step.i_symmetry_2 
_ndb_struct_na_base_pair_step.j_label_asym_id_2 
_ndb_struct_na_base_pair_step.j_label_comp_id_2 
_ndb_struct_na_base_pair_step.j_label_seq_id_2 
_ndb_struct_na_base_pair_step.j_symmetry_2 
_ndb_struct_na_base_pair_step.shift 
_ndb_struct_na_base_pair_step.slide 
_ndb_struct_na_base_pair_step.rise 
_ndb_struct_na_base_pair_step.tilt 
_ndb_struct_na_base_pair_step.roll 
_ndb_struct_na_base_pair_step.twist 
_ndb_struct_na_base_pair_step.x_displacement 
_ndb_struct_na_base_pair_step.y_displacement 
_ndb_struct_na_base_pair_step.helical_rise 
_ndb_struct_na_base_pair_step.inclination 
_ndb_struct_na_base_pair_step.tip 
_ndb_struct_na_base_pair_step.helical_twist 
_ndb_struct_na_base_pair_step.step_number 
_ndb_struct_na_base_pair_step.step_name 
_ndb_struct_na_base_pair_step.i_auth_asym_id_1 
_ndb_struct_na_base_pair_step.i_auth_seq_id_1 
_ndb_struct_na_base_pair_step.i_PDB_ins_code_1 
_ndb_struct_na_base_pair_step.j_auth_asym_id_1 
_ndb_struct_na_base_pair_step.j_auth_seq_id_1 
_ndb_struct_na_base_pair_step.j_PDB_ins_code_1 
_ndb_struct_na_base_pair_step.i_auth_asym_id_2 
_ndb_struct_na_base_pair_step.i_auth_seq_id_2 
_ndb_struct_na_base_pair_step.i_PDB_ins_code_2 
_ndb_struct_na_base_pair_step.j_auth_asym_id_2 
_ndb_struct_na_base_pair_step.j_auth_seq_id_2 
_ndb_struct_na_base_pair_step.j_PDB_ins_code_2 
1 A DC  2 1_555 B DC 8 1_555 B MCY 1 1_555 A DC 7 1_555 -3.138 1.976  -0.207 -142.058 -102.106 -130.470 -1.051 -1.482 -0.772 
51.189 -71.218 -177.884 1 AB_DC2MCY1:DC7DC8_AB  A 2 ? B 8 ? B 1 ? A 7 ? 
1 B MCY 1 1_555 A DC 7 1_555 A MCY 1 1_555 B DC 7 1_555 1.364  -2.259 0.028  -127.174 -126.588 -174.831 1.130  0.682  0.000  
63.294 -63.587 -179.975 2 BA_MCY1MCY1:DC7DC7_BA B 1 ? A 7 ? A 1 ? B 7 ? 
1 A MCY 1 1_555 B DC 7 1_555 B DC  2 1_555 A DC 8 1_555 3.134  -1.978 0.220  142.062  102.053  131.513  -1.051 -1.481 0.772  
51.157 -71.213 177.914  3 AB_MCY1DC2:DC8DC7_AB  A 1 ? B 7 ? B 2 ? A 8 ? 
# 
loop_
_pdbx_nmr_spectrometer.spectrometer_id 
_pdbx_nmr_spectrometer.model 
_pdbx_nmr_spectrometer.manufacturer 
_pdbx_nmr_spectrometer.field_strength 
_pdbx_nmr_spectrometer.type 
1 'HOME BUILT' Home-built 360 ? 
2 AMX          Bruker     600 ? 
# 
_atom_sites.entry_id                    1BAE 
_atom_sites.fract_transf_matrix[1][1]   1.000000 
_atom_sites.fract_transf_matrix[1][2]   0.000000 
_atom_sites.fract_transf_matrix[1][3]   0.000000 
_atom_sites.fract_transf_matrix[2][1]   0.000000 
_atom_sites.fract_transf_matrix[2][2]   1.000000 
_atom_sites.fract_transf_matrix[2][3]   0.000000 
_atom_sites.fract_transf_matrix[3][1]   0.000000 
_atom_sites.fract_transf_matrix[3][2]   0.000000 
_atom_sites.fract_transf_matrix[3][3]   1.000000 
_atom_sites.fract_transf_vector[1]      0.00000 
_atom_sites.fract_transf_vector[2]      0.00000 
_atom_sites.fract_transf_vector[3]      0.00000 
# 
loop_
_atom_type.symbol 
C 
H 
N 
O 
P 
# 
loop_
_atom_site.group_PDB 
_atom_site.id 
_atom_site.type_symbol 
_atom_site.label_atom_id 
_atom_site.label_alt_id 
_atom_site.label_comp_id 
_atom_site.label_asym_id 
_atom_site.label_entity_id 
_atom_site.label_seq_id 
_atom_site.pdbx_PDB_ins_code 
_atom_site.Cartn_x 
_atom_site.Cartn_y 
_atom_site.Cartn_z 
_atom_site.occupancy 
_atom_site.B_iso_or_equiv 
_atom_site.pdbx_formal_charge 
_atom_site.auth_seq_id 
_atom_site.auth_comp_id 
_atom_site.auth_asym_id 
_atom_site.auth_atom_id 
_atom_site.pdbx_PDB_model_num 
HETATM 1   N N1     . MCY A 1 1 ? -0.069  -1.714 -3.435  1.00 0.00 ? 1 MCY A N1     1 
HETATM 2   C C2     . MCY A 1 1 ? -0.535  -0.796 -2.519  1.00 0.00 ? 1 MCY A C2     1 
HETATM 3   N N3     . MCY A 1 1 ? -0.862  -1.253 -1.282  1.00 0.00 ? 1 MCY A N3     1 
HETATM 4   C C4     . MCY A 1 1 ? -0.741  -2.552 -0.957  1.00 0.00 ? 1 MCY A C4     1 
HETATM 5   C C5     . MCY A 1 1 ? -0.285  -3.443 -1.868  1.00 0.00 ? 1 MCY A C5     1 
HETATM 6   C C6     . MCY A 1 1 ? 0.046   -3.023 -3.099  1.00 0.00 ? 1 MCY A C6     1 
HETATM 7   O O2     . MCY A 1 1 ? -0.650  0.389  -2.823  1.00 0.00 ? 1 MCY A O2     1 
HETATM 8   N N4     . MCY A 1 1 ? -1.063  -2.954 0.273   1.00 0.00 ? 1 MCY A N4     1 
HETATM 9   C "C1'"  . MCY A 1 1 ? 0.338   -1.218 -4.767  1.00 0.00 ? 1 MCY A "C1'"  1 
HETATM 10  C "C2'"  . MCY A 1 1 ? 1.852   -1.164 -4.869  1.00 0.00 ? 1 MCY A "C2'"  1 
HETATM 11  C "C3'"  . MCY A 1 1 ? 2.252   -2.142 -5.942  1.00 0.00 ? 1 MCY A "C3'"  1 
HETATM 12  C "C4'"  . MCY A 1 1 ? 0.958   -2.568 -6.620  1.00 0.00 ? 1 MCY A "C4'"  1 
HETATM 13  O "O4'"  . MCY A 1 1 ? -0.146  -2.083 -5.821  1.00 0.00 ? 1 MCY A "O4'"  1 
HETATM 14  O "O3'"  . MCY A 1 1 ? 3.157   -1.540 -6.877  1.00 0.00 ? 1 MCY A "O3'"  1 
HETATM 15  C "C5'"  . MCY A 1 1 ? 0.896   -4.087 -6.763  1.00 0.00 ? 1 MCY A "C5'"  1 
HETATM 16  O "O5'"  . MCY A 1 1 ? 0.834   -4.733 -5.489  1.00 0.00 ? 1 MCY A "O5'"  1 
HETATM 17  C C5A    . MCY A 1 1 ? -0.144  -4.917 -1.497  1.00 0.00 ? 1 MCY A C5A    1 
HETATM 18  H H6     . MCY A 1 1 ? 0.405   -3.741 -3.836  1.00 0.00 ? 1 MCY A H6     1 
HETATM 19  H HN41   . MCY A 1 1 ? -0.968  -3.927 0.528   1.00 0.00 ? 1 MCY A HN41   1 
HETATM 20  H HN42   . MCY A 1 1 ? -1.404  -2.283 0.947   1.00 0.00 ? 1 MCY A HN42   1 
HETATM 21  H "H1'"  . MCY A 1 1 ? -0.068  -0.219 -4.915  1.00 0.00 ? 1 MCY A "H1'"  1 
HETATM 22  H "H2'"  . MCY A 1 1 ? 2.301   -1.450 -3.918  1.00 0.00 ? 1 MCY A "H2'"  1 
HETATM 23  H "H2''" . MCY A 1 1 ? 2.170   -0.158 -5.144  1.00 0.00 ? 1 MCY A "H2''" 1 
HETATM 24  H "H3'"  . MCY A 1 1 ? 2.721   -3.013 -5.478  1.00 0.00 ? 1 MCY A "H3'"  1 
HETATM 25  H "H4'"  . MCY A 1 1 ? 0.906   -2.114 -7.612  1.00 0.00 ? 1 MCY A "H4'"  1 
HETATM 26  H "H5'"  . MCY A 1 1 ? 0.012   -4.354 -7.341  1.00 0.00 ? 1 MCY A "H5'"  1 
HETATM 27  H "H5''" . MCY A 1 1 ? 1.784   -4.430 -7.294  1.00 0.00 ? 1 MCY A "H5''" 1 
HETATM 28  H "HO5'" . MCY A 1 1 ? 0.426   -5.592 -5.624  1.00 0.00 ? 1 MCY A "HO5'" 1 
HETATM 29  H H5A1   . MCY A 1 1 ? -0.946  -5.200 -0.817  1.00 0.00 ? 1 MCY A H5A1   1 
HETATM 30  H H5A2   . MCY A 1 1 ? 0.819   -5.079 -1.011  1.00 0.00 ? 1 MCY A H5A2   1 
HETATM 31  H H5A3   . MCY A 1 1 ? -0.201  -5.525 -2.399  1.00 0.00 ? 1 MCY A H5A3   1 
ATOM   32  P P      . DC  A 1 2 ? 4.715   -1.357 -6.504  1.00 0.00 ? 2 DC  A P      1 
ATOM   33  O OP1    . DC  A 1 2 ? 5.372   -0.623 -7.607  1.00 0.00 ? 2 DC  A OP1    1 
ATOM   34  O OP2    . DC  A 1 2 ? 5.246   -2.670 -6.070  1.00 0.00 ? 2 DC  A OP2    1 
ATOM   35  O "O5'"  . DC  A 1 2 ? 4.656   -0.389 -5.218  1.00 0.00 ? 2 DC  A "O5'"  1 
ATOM   36  C "C5'"  . DC  A 1 2 ? 5.851   -0.010 -4.527  1.00 0.00 ? 2 DC  A "C5'"  1 
ATOM   37  C "C4'"  . DC  A 1 2 ? 5.776   1.435  -4.040  1.00 0.00 ? 2 DC  A "C4'"  1 
ATOM   38  O "O4'"  . DC  A 1 2 ? 4.721   1.594  -3.067  1.00 0.00 ? 2 DC  A "O4'"  1 
ATOM   39  C "C3'"  . DC  A 1 2 ? 7.084   1.870  -3.395  1.00 0.00 ? 2 DC  A "C3'"  1 
ATOM   40  O "O3'"  . DC  A 1 2 ? 7.815   2.752  -4.259  1.00 0.00 ? 2 DC  A "O3'"  1 
ATOM   41  C "C2'"  . DC  A 1 2 ? 6.696   2.554  -2.111  1.00 0.00 ? 2 DC  A "C2'"  1 
ATOM   42  C "C1'"  . DC  A 1 2 ? 5.227   2.235  -1.876  1.00 0.00 ? 2 DC  A "C1'"  1 
ATOM   43  N N1     . DC  A 1 2 ? 5.075   1.350  -0.705  1.00 0.00 ? 2 DC  A N1     1 
ATOM   44  C C2     . DC  A 1 2 ? 4.442   1.863  0.417   1.00 0.00 ? 2 DC  A C2     1 
ATOM   45  O O2     . DC  A 1 2 ? 4.021   3.018  0.418   1.00 0.00 ? 2 DC  A O2     1 
ATOM   46  N N3     . DC  A 1 2 ? 4.312   1.058  1.505   1.00 0.00 ? 2 DC  A N3     1 
ATOM   47  C C4     . DC  A 1 2 ? 4.780   -0.196 1.498   1.00 0.00 ? 2 DC  A C4     1 
ATOM   48  N N4     . DC  A 1 2 ? 4.624   -0.952 2.585   1.00 0.00 ? 2 DC  A N4     1 
ATOM   49  C C5     . DC  A 1 2 ? 5.434   -0.728 0.342   1.00 0.00 ? 2 DC  A C5     1 
ATOM   50  C C6     . DC  A 1 2 ? 5.557   0.073  -0.729  1.00 0.00 ? 2 DC  A C6     1 
ATOM   51  H "H5'"  . DC  A 1 2 ? 6.702   -0.115 -5.201  1.00 0.00 ? 2 DC  A "H5'"  1 
ATOM   52  H "H5''" . DC  A 1 2 ? 5.991   -0.668 -3.671  1.00 0.00 ? 2 DC  A "H5''" 1 
ATOM   53  H "H4'"  . DC  A 1 2 ? 5.568   2.084  -4.891  1.00 0.00 ? 2 DC  A "H4'"  1 
ATOM   54  H "H3'"  . DC  A 1 2 ? 7.685   0.985  -3.161  1.00 0.00 ? 2 DC  A "H3'"  1 
ATOM   55  H "H2'"  . DC  A 1 2 ? 7.305   2.174  -1.288  1.00 0.00 ? 2 DC  A "H2'"  1 
ATOM   56  H "H2''" . DC  A 1 2 ? 6.830   3.633  -2.206  1.00 0.00 ? 2 DC  A "H2''" 1 
ATOM   57  H "H1'"  . DC  A 1 2 ? 4.673   3.161  -1.703  1.00 0.00 ? 2 DC  A "H1'"  1 
ATOM   58  H H41    . DC  A 1 2 ? 4.152   -0.576 3.396   1.00 0.00 ? 2 DC  A H41    1 
ATOM   59  H H42    . DC  A 1 2 ? 4.969   -1.901 2.596   1.00 0.00 ? 2 DC  A H42    1 
ATOM   60  H H5     . DC  A 1 2 ? 5.831   -1.742 0.330   1.00 0.00 ? 2 DC  A H5     1 
ATOM   61  H H6     . DC  A 1 2 ? 6.040   -0.304 -1.627  1.00 0.00 ? 2 DC  A H6     1 
ATOM   62  P P      . DT  A 1 3 ? 9.166   3.487  -3.767  1.00 0.00 ? 3 DT  A P      1 
ATOM   63  O OP1    . DT  A 1 3 ? 8.813   4.856  -3.331  1.00 0.00 ? 3 DT  A OP1    1 
ATOM   64  O OP2    . DT  A 1 3 ? 10.201  3.291  -4.808  1.00 0.00 ? 3 DT  A OP2    1 
ATOM   65  O "O5'"  . DT  A 1 3 ? 9.595   2.638  -2.463  1.00 0.00 ? 3 DT  A "O5'"  1 
ATOM   66  C "C5'"  . DT  A 1 3 ? 10.952  2.220  -2.279  1.00 0.00 ? 3 DT  A "C5'"  1 
ATOM   67  C "C4'"  . DT  A 1 3 ? 11.298  2.037  -0.801  1.00 0.00 ? 3 DT  A "C4'"  1 
ATOM   68  O "O4'"  . DT  A 1 3 ? 10.274  1.274  -0.123  1.00 0.00 ? 3 DT  A "O4'"  1 
ATOM   69  C "C3'"  . DT  A 1 3 ? 12.621  1.291  -0.653  1.00 0.00 ? 3 DT  A "C3'"  1 
ATOM   70  O "O3'"  . DT  A 1 3 ? 13.499  1.978  0.253   1.00 0.00 ? 3 DT  A "O3'"  1 
ATOM   71  C "C2'"  . DT  A 1 3 ? 12.252  -0.072 -0.121  1.00 0.00 ? 3 DT  A "C2'"  1 
ATOM   72  C "C1'"  . DT  A 1 3 ? 10.825  0.041  0.390   1.00 0.00 ? 3 DT  A "C1'"  1 
ATOM   73  N N1     . DT  A 1 3 ? 10.015  -1.119 -0.037  1.00 0.00 ? 3 DT  A N1     1 
ATOM   74  C C2     . DT  A 1 3 ? 9.714   -2.076 0.919   1.00 0.00 ? 3 DT  A C2     1 
ATOM   75  O O2     . DT  A 1 3 ? 10.102  -1.987 2.083   1.00 0.00 ? 3 DT  A O2     1 
ATOM   76  N N3     . DT  A 1 3 ? 8.950   -3.144 0.488   1.00 0.00 ? 3 DT  A N3     1 
ATOM   77  C C4     . DT  A 1 3 ? 8.467   -3.335 -0.794  1.00 0.00 ? 3 DT  A C4     1 
ATOM   78  O O4     . DT  A 1 3 ? 7.793   -4.329 -1.067  1.00 0.00 ? 3 DT  A O4     1 
ATOM   79  C C5     . DT  A 1 3 ? 8.830   -2.288 -1.722  1.00 0.00 ? 3 DT  A C5     1 
ATOM   80  C C7     . DT  A 1 3 ? 8.361   -2.371 -3.172  1.00 0.00 ? 3 DT  A C7     1 
ATOM   81  C C6     . DT  A 1 3 ? 9.575   -1.236 -1.327  1.00 0.00 ? 3 DT  A C6     1 
ATOM   82  H "H5'"  . DT  A 1 3 ? 11.616  2.969  -2.708  1.00 0.00 ? 3 DT  A "H5'"  1 
ATOM   83  H "H5''" . DT  A 1 3 ? 11.103  1.274  -2.798  1.00 0.00 ? 3 DT  A "H5''" 1 
ATOM   84  H "H4'"  . DT  A 1 3 ? 11.382  3.016  -0.331  1.00 0.00 ? 3 DT  A "H4'"  1 
ATOM   85  H "H3'"  . DT  A 1 3 ? 13.096  1.185  -1.632  1.00 0.00 ? 3 DT  A "H3'"  1 
ATOM   86  H "H2'"  . DT  A 1 3 ? 12.301  -0.807 -0.924  1.00 0.00 ? 3 DT  A "H2'"  1 
ATOM   87  H "H2''" . DT  A 1 3 ? 12.920  -0.363 0.686   1.00 0.00 ? 3 DT  A "H2''" 1 
ATOM   88  H "H1'"  . DT  A 1 3 ? 10.839  0.083  1.479   1.00 0.00 ? 3 DT  A "H1'"  1 
ATOM   89  H H3     . DT  A 1 3 ? 8.723   -3.850 1.173   1.00 0.00 ? 3 DT  A H3     1 
ATOM   90  H H71    . DT  A 1 3 ? 9.098   -2.916 -3.762  1.00 0.00 ? 3 DT  A H71    1 
ATOM   91  H H72    . DT  A 1 3 ? 8.245   -1.365 -3.575  1.00 0.00 ? 3 DT  A H72    1 
ATOM   92  H H73    . DT  A 1 3 ? 7.404   -2.891 -3.215  1.00 0.00 ? 3 DT  A H73    1 
ATOM   93  H H6     . DT  A 1 3 ? 9.837   -0.462 -2.050  1.00 0.00 ? 3 DT  A H6     1 
ATOM   94  P P      . DT  A 1 4 ? 14.435  3.195  -0.259  1.00 0.00 ? 4 DT  A P      1 
ATOM   95  O OP1    . DT  A 1 4 ? 13.595  4.126  -1.047  1.00 0.00 ? 4 DT  A OP1    1 
ATOM   96  O OP2    . DT  A 1 4 ? 15.654  2.612  -0.864  1.00 0.00 ? 4 DT  A OP2    1 
ATOM   97  O "O5'"  . DT  A 1 4 ? 14.852  3.934  1.119   1.00 0.00 ? 4 DT  A "O5'"  1 
ATOM   98  C "C5'"  . DT  A 1 4 ? 16.231  4.093  1.496   1.00 0.00 ? 4 DT  A "C5'"  1 
ATOM   99  C "C4'"  . DT  A 1 4 ? 16.624  3.148  2.638   1.00 0.00 ? 4 DT  A "C4'"  1 
ATOM   100 O "O4'"  . DT  A 1 4 ? 16.366  3.754  3.929   1.00 0.00 ? 4 DT  A "O4'"  1 
ATOM   101 C "C3'"  . DT  A 1 4 ? 15.802  1.879  2.576   1.00 0.00 ? 4 DT  A "C3'"  1 
ATOM   102 O "O3'"  . DT  A 1 4 ? 16.577  0.757  3.034   1.00 0.00 ? 4 DT  A "O3'"  1 
ATOM   103 C "C2'"  . DT  A 1 4 ? 14.651  2.174  3.489   1.00 0.00 ? 4 DT  A "C2'"  1 
ATOM   104 C "C1'"  . DT  A 1 4 ? 15.183  3.158  4.512   1.00 0.00 ? 4 DT  A "C1'"  1 
ATOM   105 N N1     . DT  A 1 4 ? 14.190  4.199  4.844   1.00 0.00 ? 4 DT  A N1     1 
ATOM   106 C C2     . DT  A 1 4 ? 14.060  4.567  6.173   1.00 0.00 ? 4 DT  A C2     1 
ATOM   107 O O2     . DT  A 1 4 ? 14.704  4.030  7.070   1.00 0.00 ? 4 DT  A O2     1 
ATOM   108 N N3     . DT  A 1 4 ? 13.154  5.578  6.433   1.00 0.00 ? 4 DT  A N3     1 
ATOM   109 C C4     . DT  A 1 4 ? 12.381  6.242  5.496   1.00 0.00 ? 4 DT  A C4     1 
ATOM   110 O O4     . DT  A 1 4 ? 11.607  7.132  5.842   1.00 0.00 ? 4 DT  A O4     1 
ATOM   111 C C5     . DT  A 1 4 ? 12.585  5.787  4.139   1.00 0.00 ? 4 DT  A C5     1 
ATOM   112 C C7     . DT  A 1 4 ? 11.803  6.438  3.000   1.00 0.00 ? 4 DT  A C7     1 
ATOM   113 C C6     . DT  A 1 4 ? 13.462  4.801  3.862   1.00 0.00 ? 4 DT  A C6     1 
ATOM   114 H "H5'"  . DT  A 1 4 ? 16.393  5.121  1.818   1.00 0.00 ? 4 DT  A "H5'"  1 
ATOM   115 H "H5''" . DT  A 1 4 ? 16.863  3.888  0.633   1.00 0.00 ? 4 DT  A "H5''" 1 
ATOM   116 H "H4'"  . DT  A 1 4 ? 17.674  2.906  2.560   1.00 0.00 ? 4 DT  A "H4'"  1 
ATOM   117 H "H3'"  . DT  A 1 4 ? 15.444  1.709  1.560   1.00 0.00 ? 4 DT  A "H3'"  1 
ATOM   118 H "H2'"  . DT  A 1 4 ? 13.859  2.641  2.911   1.00 0.00 ? 4 DT  A "H2'"  1 
ATOM   119 H "H2''" . DT  A 1 4 ? 14.294  1.270  3.971   1.00 0.00 ? 4 DT  A "H2''" 1 
ATOM   120 H "H1'"  . DT  A 1 4 ? 15.450  2.612  5.421   1.00 0.00 ? 4 DT  A "H1'"  1 
ATOM   121 H H3     . DT  A 1 4 ? 13.046  5.859  7.397   1.00 0.00 ? 4 DT  A H3     1 
ATOM   122 H H71    . DT  A 1 4 ? 10.883  6.871  3.391   1.00 0.00 ? 4 DT  A H71    1 
ATOM   123 H H72    . DT  A 1 4 ? 11.561  5.687  2.249   1.00 0.00 ? 4 DT  A H72    1 
ATOM   124 H H73    . DT  A 1 4 ? 12.409  7.221  2.546   1.00 0.00 ? 4 DT  A H73    1 
ATOM   125 H H6     . DT  A 1 4 ? 13.586  4.462  2.835   1.00 0.00 ? 4 DT  A H6     1 
ATOM   126 P P      . DT  A 1 5 ? 15.874  -0.615 3.511   1.00 0.00 ? 5 DT  A P      1 
ATOM   127 O OP1    . DT  A 1 5 ? 16.930  -1.636 3.691   1.00 0.00 ? 5 DT  A OP1    1 
ATOM   128 O OP2    . DT  A 1 5 ? 14.729  -0.888 2.611   1.00 0.00 ? 5 DT  A OP2    1 
ATOM   129 O "O5'"  . DT  A 1 5 ? 15.297  -0.225 4.966   1.00 0.00 ? 5 DT  A "O5'"  1 
ATOM   130 C "C5'"  . DT  A 1 5 ? 13.985  -0.634 5.362   1.00 0.00 ? 5 DT  A "C5'"  1 
ATOM   131 C "C4'"  . DT  A 1 5 ? 13.636  -0.155 6.768   1.00 0.00 ? 5 DT  A "C4'"  1 
ATOM   132 O "O4'"  . DT  A 1 5 ? 13.461  1.279  6.807   1.00 0.00 ? 5 DT  A "O4'"  1 
ATOM   133 C "C3'"  . DT  A 1 5 ? 12.337  -0.799 7.227   1.00 0.00 ? 5 DT  A "C3'"  1 
ATOM   134 O "O3'"  . DT  A 1 5 ? 12.555  -1.758 8.272   1.00 0.00 ? 5 DT  A "O3'"  1 
ATOM   135 C "C2'"  . DT  A 1 5 ? 11.459  0.329  7.704   1.00 0.00 ? 5 DT  A "C2'"  1 
ATOM   136 C "C1'"  . DT  A 1 5 ? 12.241  1.611  7.509   1.00 0.00 ? 5 DT  A "C1'"  1 
ATOM   137 N N1     . DT  A 1 5 ? 11.442  2.600  6.756   1.00 0.00 ? 5 DT  A N1     1 
ATOM   138 C C2     . DT  A 1 5 ? 10.830  3.616  7.470   1.00 0.00 ? 5 DT  A C2     1 
ATOM   139 O O2     . DT  A 1 5 ? 10.947  3.725  8.689   1.00 0.00 ? 5 DT  A O2     1 
ATOM   140 N N3     . DT  A 1 5 ? 10.077  4.506  6.728   1.00 0.00 ? 5 DT  A N3     1 
ATOM   141 C C4     . DT  A 1 5 ? 9.886   4.470  5.359   1.00 0.00 ? 5 DT  A C4     1 
ATOM   142 O O4     . DT  A 1 5 ? 9.192   5.318  4.800   1.00 0.00 ? 5 DT  A O4     1 
ATOM   143 C C5     . DT  A 1 5 ? 10.565  3.376  4.700   1.00 0.00 ? 5 DT  A C5     1 
ATOM   144 C C7     . DT  A 1 5 ? 10.448  3.218  3.187   1.00 0.00 ? 5 DT  A C7     1 
ATOM   145 C C6     . DT  A 1 5 ? 11.305  2.495  5.403   1.00 0.00 ? 5 DT  A C6     1 
ATOM   146 H "H5'"  . DT  A 1 5 ? 13.932  -1.723 5.336   1.00 0.00 ? 5 DT  A "H5'"  1 
ATOM   147 H "H5''" . DT  A 1 5 ? 13.257  -0.227 4.660   1.00 0.00 ? 5 DT  A "H5''" 1 
ATOM   148 H "H4'"  . DT  A 1 5 ? 14.439  -0.431 7.447   1.00 0.00 ? 5 DT  A "H4'"  1 
ATOM   149 H "H3'"  . DT  A 1 5 ? 11.870  -1.286 6.372   1.00 0.00 ? 5 DT  A "H3'"  1 
ATOM   150 H "H2'"  . DT  A 1 5 ? 10.540  0.358  7.117   1.00 0.00 ? 5 DT  A "H2'"  1 
ATOM   151 H "H2''" . DT  A 1 5 ? 11.220  0.197  8.760   1.00 0.00 ? 5 DT  A "H2''" 1 
ATOM   152 H "H1'"  . DT  A 1 5 ? 12.491  2.023  8.483   1.00 0.00 ? 5 DT  A "H1'"  1 
ATOM   153 H H3     . DT  A 1 5 ? 9.625   5.255  7.235   1.00 0.00 ? 5 DT  A H3     1 
ATOM   154 H H71    . DT  A 1 5 ? 11.444  3.175  2.746   1.00 0.00 ? 5 DT  A H71    1 
ATOM   155 H H72    . DT  A 1 5 ? 9.905   4.068  2.773   1.00 0.00 ? 5 DT  A H72    1 
ATOM   156 H H73    . DT  A 1 5 ? 9.911   2.297  2.957   1.00 0.00 ? 5 DT  A H73    1 
ATOM   157 H H6     . DT  A 1 5 ? 11.805  1.681  4.885   1.00 0.00 ? 5 DT  A H6     1 
ATOM   158 P P      . DA  A 1 6 ? 11.312  -2.558 8.933   1.00 0.00 ? 6 DA  A P      1 
ATOM   159 O OP1    . DA  A 1 6 ? 10.320  -1.567 9.411   1.00 0.00 ? 6 DA  A OP1    1 
ATOM   160 O OP2    . DA  A 1 6 ? 11.857  -3.560 9.875   1.00 0.00 ? 6 DA  A OP2    1 
ATOM   161 O "O5'"  . DA  A 1 6 ? 10.671  -3.349 7.678   1.00 0.00 ? 6 DA  A "O5'"  1 
ATOM   162 C "C5'"  . DA  A 1 6 ? 9.806   -2.690 6.742   1.00 0.00 ? 6 DA  A "C5'"  1 
ATOM   163 C "C4'"  . DA  A 1 6 ? 8.375   -2.574 7.260   1.00 0.00 ? 6 DA  A "C4'"  1 
ATOM   164 O "O4'"  . DA  A 1 6 ? 7.966   -1.191 7.272   1.00 0.00 ? 6 DA  A "O4'"  1 
ATOM   165 C "C3'"  . DA  A 1 6 ? 7.401   -3.354 6.380   1.00 0.00 ? 6 DA  A "C3'"  1 
ATOM   166 O "O3'"  . DA  A 1 6 ? 6.740   -4.381 7.132   1.00 0.00 ? 6 DA  A "O3'"  1 
ATOM   167 C "C2'"  . DA  A 1 6 ? 6.410   -2.340 5.866   1.00 0.00 ? 6 DA  A "C2'"  1 
ATOM   168 C "C1'"  . DA  A 1 6 ? 6.885   -0.976 6.343   1.00 0.00 ? 6 DA  A "C1'"  1 
ATOM   169 N N9     . DA  A 1 6 ? 7.328   -0.162 5.202   1.00 0.00 ? 6 DA  A N9     1 
ATOM   170 C C8     . DA  A 1 6 ? 8.283   -0.428 4.289   1.00 0.00 ? 6 DA  A C8     1 
ATOM   171 N N7     . DA  A 1 6 ? 8.453   0.421  3.331   1.00 0.00 ? 6 DA  A N7     1 
ATOM   172 C C5     . DA  A 1 6 ? 7.490   1.389  3.643   1.00 0.00 ? 6 DA  A C5     1 
ATOM   173 C C6     . DA  A 1 6 ? 7.119   2.592  3.031   1.00 0.00 ? 6 DA  A C6     1 
ATOM   174 N N6     . DA  A 1 6 ? 7.678   3.044  1.906   1.00 0.00 ? 6 DA  A N6     1 
ATOM   175 N N1     . DA  A 1 6 ? 6.133   3.301  3.610   1.00 0.00 ? 6 DA  A N1     1 
ATOM   176 C C2     . DA  A 1 6 ? 5.544   2.855  4.722   1.00 0.00 ? 6 DA  A C2     1 
ATOM   177 N N3     . DA  A 1 6 ? 5.814   1.733  5.380   1.00 0.00 ? 6 DA  A N3     1 
ATOM   178 C C4     . DA  A 1 6 ? 6.803   1.041  4.783   1.00 0.00 ? 6 DA  A C4     1 
ATOM   179 H "H5'"  . DA  A 1 6 ? 9.807   -3.249 5.807   1.00 0.00 ? 6 DA  A "H5'"  1 
ATOM   180 H "H5''" . DA  A 1 6 ? 10.181  -1.686 6.555   1.00 0.00 ? 6 DA  A "H5''" 1 
ATOM   181 H "H4'"  . DA  A 1 6 ? 8.332   -2.966 8.272   1.00 0.00 ? 6 DA  A "H4'"  1 
ATOM   182 H "H3'"  . DA  A 1 6 ? 7.939   -3.795 5.539   1.00 0.00 ? 6 DA  A "H3'"  1 
ATOM   183 H "H2'"  . DA  A 1 6 ? 6.384   -2.366 4.776   1.00 0.00 ? 6 DA  A "H2'"  1 
ATOM   184 H "H2''" . DA  A 1 6 ? 5.420   -2.550 6.267   1.00 0.00 ? 6 DA  A "H2''" 1 
ATOM   185 H "H1'"  . DA  A 1 6 ? 6.072   -0.468 6.848   1.00 0.00 ? 6 DA  A "H1'"  1 
ATOM   186 H H8     . DA  A 1 6 ? 8.891   -1.326 4.372   1.00 0.00 ? 6 DA  A H8     1 
ATOM   187 H H61    . DA  A 1 6 ? 7.372   3.922  1.508   1.00 0.00 ? 6 DA  A H61    1 
ATOM   188 H H62    . DA  A 1 6 ? 8.407   2.512  1.453   1.00 0.00 ? 6 DA  A H62    1 
ATOM   189 H H2     . DA  A 1 6 ? 4.757   3.483  5.139   1.00 0.00 ? 6 DA  A H2     1 
ATOM   190 P P      . DC  A 1 7 ? 5.673   -5.365 6.425   1.00 0.00 ? 7 DC  A P      1 
ATOM   191 O OP1    . DC  A 1 7 ? 5.418   -6.501 7.337   1.00 0.00 ? 7 DC  A OP1    1 
ATOM   192 O OP2    . DC  A 1 7 ? 6.123   -5.621 5.037   1.00 0.00 ? 7 DC  A OP2    1 
ATOM   193 O "O5'"  . DC  A 1 7 ? 4.343   -4.456 6.370   1.00 0.00 ? 7 DC  A "O5'"  1 
ATOM   194 C "C5'"  . DC  A 1 7 ? 3.452   -4.516 5.251   1.00 0.00 ? 7 DC  A "C5'"  1 
ATOM   195 C "C4'"  . DC  A 1 7 ? 2.144   -3.784 5.546   1.00 0.00 ? 7 DC  A "C4'"  1 
ATOM   196 O "O4'"  . DC  A 1 7 ? 2.144   -2.467 4.955   1.00 0.00 ? 7 DC  A "O4'"  1 
ATOM   197 C "C3'"  . DC  A 1 7 ? 0.943   -4.551 5.010   1.00 0.00 ? 7 DC  A "C3'"  1 
ATOM   198 O "O3'"  . DC  A 1 7 ? 0.109   -5.014 6.078   1.00 0.00 ? 7 DC  A "O3'"  1 
ATOM   199 C "C2'"  . DC  A 1 7 ? 0.197   -3.584 4.128   1.00 0.00 ? 7 DC  A "C2'"  1 
ATOM   200 C "C1'"  . DC  A 1 7 ? 1.068   -2.346 4.004   1.00 0.00 ? 7 DC  A "C1'"  1 
ATOM   201 N N1     . DC  A 1 7 ? 1.604   -2.255 2.638   1.00 0.00 ? 7 DC  A N1     1 
ATOM   202 C C2     . DC  A 1 7 ? 1.313   -1.124 1.893   1.00 0.00 ? 7 DC  A C2     1 
ATOM   203 O O2     . DC  A 1 7 ? 0.661   -0.207 2.385   1.00 0.00 ? 7 DC  A O2     1 
ATOM   204 N N3     . DC  A 1 7 ? 1.776   -1.064 0.615   1.00 0.00 ? 7 DC  A N3     1 
ATOM   205 C C4     . DC  A 1 7 ? 2.492   -2.068 0.094   1.00 0.00 ? 7 DC  A C4     1 
ATOM   206 N N4     . DC  A 1 7 ? 2.926   -1.973 -1.163  1.00 0.00 ? 7 DC  A N4     1 
ATOM   207 C C5     . DC  A 1 7 ? 2.793   -3.235 0.867   1.00 0.00 ? 7 DC  A C5     1 
ATOM   208 C C6     . DC  A 1 7 ? 2.333   -3.281 2.129   1.00 0.00 ? 7 DC  A C6     1 
ATOM   209 H "H5'"  . DC  A 1 7 ? 3.236   -5.561 5.021   1.00 0.00 ? 7 DC  A "H5'"  1 
ATOM   210 H "H5''" . DC  A 1 7 ? 3.933   -4.054 4.388   1.00 0.00 ? 7 DC  A "H5''" 1 
ATOM   211 H "H4'"  . DC  A 1 7 ? 2.039   -3.682 6.616   1.00 0.00 ? 7 DC  A "H4'"  1 
ATOM   212 H "H3'"  . DC  A 1 7 ? 1.285   -5.397 4.411   1.00 0.00 ? 7 DC  A "H3'"  1 
ATOM   213 H "H2'"  . DC  A 1 7 ? 0.039   -4.028 3.141   1.00 0.00 ? 7 DC  A "H2'"  1 
ATOM   214 H "H2''" . DC  A 1 7 ? -0.760  -3.325 4.580   1.00 0.00 ? 7 DC  A "H2''" 1 
ATOM   215 H "H1'"  . DC  A 1 7 ? 0.479   -1.457 4.225   1.00 0.00 ? 7 DC  A "H1'"  1 
ATOM   216 H H41    . DC  A 1 7 ? 2.717   -1.147 -1.705  1.00 0.00 ? 7 DC  A H41    1 
ATOM   217 H H42    . DC  A 1 7 ? 3.466   -2.723 -1.571  1.00 0.00 ? 7 DC  A H42    1 
ATOM   218 H H5     . DC  A 1 7 ? 3.363   -4.062 0.447   1.00 0.00 ? 7 DC  A H5     1 
ATOM   219 H H6     . DC  A 1 7 ? 2.555   -4.144 2.763   1.00 0.00 ? 7 DC  A H6     1 
ATOM   220 P P      . DC  A 1 8 ? -0.890  -6.259 5.861   1.00 0.00 ? 8 DC  A P      1 
ATOM   221 O OP1    . DC  A 1 8 ? -0.460  -7.357 6.755   1.00 0.00 ? 8 DC  A OP1    1 
ATOM   222 O OP2    . DC  A 1 8 ? -1.023  -6.503 4.407   1.00 0.00 ? 8 DC  A OP2    1 
ATOM   223 O "O5'"  . DC  A 1 8 ? -2.290  -5.680 6.410   1.00 0.00 ? 8 DC  A "O5'"  1 
ATOM   224 C "C5'"  . DC  A 1 8 ? -3.497  -5.841 5.656   1.00 0.00 ? 8 DC  A "C5'"  1 
ATOM   225 C "C4'"  . DC  A 1 8 ? -4.259  -4.523 5.537   1.00 0.00 ? 8 DC  A "C4'"  1 
ATOM   226 O "O4'"  . DC  A 1 8 ? -3.701  -3.703 4.486   1.00 0.00 ? 8 DC  A "O4'"  1 
ATOM   227 C "C3'"  . DC  A 1 8 ? -5.729  -4.772 5.220   1.00 0.00 ? 8 DC  A "C3'"  1 
ATOM   228 O "O3'"  . DC  A 1 8 ? -6.563  -4.353 6.303   1.00 0.00 ? 8 DC  A "O3'"  1 
ATOM   229 C "C2'"  . DC  A 1 8 ? -6.027  -3.978 3.975   1.00 0.00 ? 8 DC  A "C2'"  1 
ATOM   230 C "C1'"  . DC  A 1 8 ? -4.723  -3.337 3.532   1.00 0.00 ? 8 DC  A "C1'"  1 
ATOM   231 N N1     . DC  A 1 8 ? -4.352  -3.784 2.172   1.00 0.00 ? 8 DC  A N1     1 
ATOM   232 C C2     . DC  A 1 8 ? -4.339  -2.835 1.158   1.00 0.00 ? 8 DC  A C2     1 
ATOM   233 O O2     . DC  A 1 8 ? -4.642  -1.666 1.396   1.00 0.00 ? 8 DC  A O2     1 
ATOM   234 N N3     . DC  A 1 8 ? -3.994  -3.237 -0.096  1.00 0.00 ? 8 DC  A N3     1 
ATOM   235 C C4     . DC  A 1 8 ? -3.680  -4.514 -0.350  1.00 0.00 ? 8 DC  A C4     1 
ATOM   236 N N4     . DC  A 1 8 ? -3.350  -4.868 -1.591  1.00 0.00 ? 8 DC  A N4     1 
ATOM   237 C C5     . DC  A 1 8 ? -3.696  -5.496 0.689   1.00 0.00 ? 8 DC  A C5     1 
ATOM   238 C C6     . DC  A 1 8 ? -4.035  -5.090 1.927   1.00 0.00 ? 8 DC  A C6     1 
ATOM   239 H "H5'"  . DC  A 1 8 ? -4.130  -6.577 6.153   1.00 0.00 ? 8 DC  A "H5'"  1 
ATOM   240 H "H5''" . DC  A 1 8 ? -3.249  -6.200 4.658   1.00 0.00 ? 8 DC  A "H5''" 1 
ATOM   241 H "H4'"  . DC  A 1 8 ? -4.187  -3.984 6.481   1.00 0.00 ? 8 DC  A "H4'"  1 
ATOM   242 H "H3'"  . DC  A 1 8 ? -5.885  -5.834 5.018   1.00 0.00 ? 8 DC  A "H3'"  1 
ATOM   243 H "HO3'" . DC  A 1 8 ? -7.466  -4.340 5.977   1.00 0.00 ? 8 DC  A "HO3'" 1 
ATOM   244 H "H2'"  . DC  A 1 8 ? -6.404  -4.639 3.193   1.00 0.00 ? 8 DC  A "H2'"  1 
ATOM   245 H "H2''" . DC  A 1 8 ? -6.765  -3.205 4.195   1.00 0.00 ? 8 DC  A "H2''" 1 
ATOM   246 H "H1'"  . DC  A 1 8 ? -4.839  -2.253 3.532   1.00 0.00 ? 8 DC  A "H1'"  1 
ATOM   247 H H41    . DC  A 1 8 ? -3.339  -4.174 -2.324  1.00 0.00 ? 8 DC  A H41    1 
ATOM   248 H H42    . DC  A 1 8 ? -3.109  -5.826 -1.797  1.00 0.00 ? 8 DC  A H42    1 
ATOM   249 H H5     . DC  A 1 8 ? -3.445  -6.538 0.484   1.00 0.00 ? 8 DC  A H5     1 
ATOM   250 H H6     . DC  A 1 8 ? -4.063  -5.815 2.742   1.00 0.00 ? 8 DC  A H6     1 
HETATM 251 N N1     . MCY B 1 1 ? 1.755   2.835  -1.908  1.00 0.00 ? 1 MCY B N1     1 
HETATM 252 C C2     . MCY B 1 1 ? 1.739   1.599  -1.300  1.00 0.00 ? 1 MCY B C2     1 
HETATM 253 N N3     . MCY B 1 1 ? 1.273   1.531  -0.025  1.00 0.00 ? 1 MCY B N3     1 
HETATM 254 C C4     . MCY B 1 1 ? 0.845   2.627  0.625   1.00 0.00 ? 1 MCY B C4     1 
HETATM 255 C C5     . MCY B 1 1 ? 0.870   3.832  0.017   1.00 0.00 ? 1 MCY B C5     1 
HETATM 256 C C6     . MCY B 1 1 ? 1.324   3.935  -1.241  1.00 0.00 ? 1 MCY B C6     1 
HETATM 257 O O2     . MCY B 1 1 ? 2.138   0.600  -1.898  1.00 0.00 ? 1 MCY B O2     1 
HETATM 258 N N4     . MCY B 1 1 ? 0.385   2.512  1.872   1.00 0.00 ? 1 MCY B N4     1 
HETATM 259 C "C1'"  . MCY B 1 1 ? 2.212   2.911  -3.313  1.00 0.00 ? 1 MCY B "C1'"  1 
HETATM 260 C "C2'"  . MCY B 1 1 ? 1.023   3.072  -4.245  1.00 0.00 ? 1 MCY B "C2'"  1 
HETATM 261 C "C3'"  . MCY B 1 1 ? 1.173   4.414  -4.914  1.00 0.00 ? 1 MCY B "C3'"  1 
HETATM 262 C "C4'"  . MCY B 1 1 ? 2.567   4.906  -4.550  1.00 0.00 ? 1 MCY B "C4'"  1 
HETATM 263 O "O4'"  . MCY B 1 1 ? 3.093   4.038  -3.520  1.00 0.00 ? 1 MCY B "O4'"  1 
HETATM 264 O "O3'"  . MCY B 1 1 ? 1.011   4.304  -6.333  1.00 0.00 ? 1 MCY B "O3'"  1 
HETATM 265 C "C5'"  . MCY B 1 1 ? 2.522   6.353  -4.069  1.00 0.00 ? 1 MCY B "C5'"  1 
HETATM 266 O "O5'"  . MCY B 1 1 ? 1.795   6.480  -2.844  1.00 0.00 ? 1 MCY B "O5'"  1 
HETATM 267 C C5A    . MCY B 1 1 ? 0.380   5.077  0.755   1.00 0.00 ? 1 MCY B C5A    1 
HETATM 268 H H6     . MCY B 1 1 ? 1.352   4.908  -1.730  1.00 0.00 ? 1 MCY B H6     1 
HETATM 269 H HN41   . MCY B 1 1 ? 0.053   3.327  2.367   1.00 0.00 ? 1 MCY B HN41   1 
HETATM 270 H HN42   . MCY B 1 1 ? 0.371   1.607  2.320   1.00 0.00 ? 1 MCY B HN42   1 
HETATM 271 H "H1'"  . MCY B 1 1 ? 2.742   1.994  -3.564  1.00 0.00 ? 1 MCY B "H1'"  1 
HETATM 272 H "H2'"  . MCY B 1 1 ? 0.095   3.041  -3.675  1.00 0.00 ? 1 MCY B "H2'"  1 
HETATM 273 H "H2''" . MCY B 1 1 ? 1.028   2.282  -4.994  1.00 0.00 ? 1 MCY B "H2''" 1 
HETATM 274 H "H3'"  . MCY B 1 1 ? 0.428   5.104  -4.505  1.00 0.00 ? 1 MCY B "H3'"  1 
HETATM 275 H "H4'"  . MCY B 1 1 ? 3.211   4.840  -5.432  1.00 0.00 ? 1 MCY B "H4'"  1 
HETATM 276 H "H5'"  . MCY B 1 1 ? 3.541   6.708  -3.915  1.00 0.00 ? 1 MCY B "H5'"  1 
HETATM 277 H "H5''" . MCY B 1 1 ? 2.044   6.968  -4.832  1.00 0.00 ? 1 MCY B "H5''" 1 
HETATM 278 H "HO5'" . MCY B 1 1 ? 2.105   7.277  -2.409  1.00 0.00 ? 1 MCY B "HO5'" 1 
HETATM 279 H H5A1   . MCY B 1 1 ? 0.635   4.996  1.812   1.00 0.00 ? 1 MCY B H5A1   1 
HETATM 280 H H5A2   . MCY B 1 1 ? -0.702  5.160  0.648   1.00 0.00 ? 1 MCY B H5A2   1 
HETATM 281 H H5A3   . MCY B 1 1 ? 0.856   5.961  0.334   1.00 0.00 ? 1 MCY B H5A3   1 
ATOM   282 P P      . DC  B 1 2 ? -0.461  4.179  -6.980  1.00 0.00 ? 2 DC  B P      1 
ATOM   283 O OP1    . DC  B 1 2 ? -0.310  3.982  -8.440  1.00 0.00 ? 2 DC  B OP1    1 
ATOM   284 O OP2    . DC  B 1 2 ? -1.290  5.293  -6.467  1.00 0.00 ? 2 DC  B OP2    1 
ATOM   285 O "O5'"  . DC  B 1 2 ? -1.008  2.806  -6.339  1.00 0.00 ? 2 DC  B "O5'"  1 
ATOM   286 C "C5'"  . DC  B 1 2 ? -2.333  2.342  -6.620  1.00 0.00 ? 2 DC  B "C5'"  1 
ATOM   287 C "C4'"  . DC  B 1 2 ? -2.372  0.820  -6.742  1.00 0.00 ? 2 DC  B "C4'"  1 
ATOM   288 O "O4'"  . DC  B 1 2 ? -2.022  0.197  -5.488  1.00 0.00 ? 2 DC  B "O4'"  1 
ATOM   289 C "C3'"  . DC  B 1 2 ? -3.758  0.333  -7.140  1.00 0.00 ? 2 DC  B "C3'"  1 
ATOM   290 O "O3'"  . DC  B 1 2 ? -3.783  -0.081 -8.513  1.00 0.00 ? 2 DC  B "O3'"  1 
ATOM   291 C "C2'"  . DC  B 1 2 ? -4.068  -0.815 -6.214  1.00 0.00 ? 2 DC  B "C2'"  1 
ATOM   292 C "C1'"  . DC  B 1 2 ? -3.023  -0.773 -5.109  1.00 0.00 ? 2 DC  B "C1'"  1 
ATOM   293 N N1     . DC  B 1 2 ? -3.647  -0.401 -3.824  1.00 0.00 ? 2 DC  B N1     1 
ATOM   294 C C2     . DC  B 1 2 ? -3.685  -1.357 -2.821  1.00 0.00 ? 2 DC  B C2     1 
ATOM   295 O O2     . DC  B 1 2 ? -3.204  -2.473 -3.011  1.00 0.00 ? 2 DC  B O2     1 
ATOM   296 N N3     . DC  B 1 2 ? -4.269  -1.026 -1.639  1.00 0.00 ? 2 DC  B N3     1 
ATOM   297 C C4     . DC  B 1 2 ? -4.797  0.189  -1.446  1.00 0.00 ? 2 DC  B C4     1 
ATOM   298 N N4     . DC  B 1 2 ? -5.356  0.473  -0.269  1.00 0.00 ? 2 DC  B N4     1 
ATOM   299 C C5     . DC  B 1 2 ? -4.763  1.177  -2.480  1.00 0.00 ? 2 DC  B C5     1 
ATOM   300 C C6     . DC  B 1 2 ? -4.179  0.843  -3.642  1.00 0.00 ? 2 DC  B C6     1 
ATOM   301 H "H5'"  . DC  B 1 2 ? -2.676  2.783  -7.554  1.00 0.00 ? 2 DC  B "H5'"  1 
ATOM   302 H "H5''" . DC  B 1 2 ? -2.996  2.651  -5.813  1.00 0.00 ? 2 DC  B "H5''" 1 
ATOM   303 H "H4'"  . DC  B 1 2 ? -1.656  0.508  -7.501  1.00 0.00 ? 2 DC  B "H4'"  1 
ATOM   304 H "H3'"  . DC  B 1 2 ? -4.485  1.133  -6.974  1.00 0.00 ? 2 DC  B "H3'"  1 
ATOM   305 H "H2'"  . DC  B 1 2 ? -5.070  -0.692 -5.794  1.00 0.00 ? 2 DC  B "H2'"  1 
ATOM   306 H "H2''" . DC  B 1 2 ? -4.002  -1.758 -6.754  1.00 0.00 ? 2 DC  B "H2''" 1 
ATOM   307 H "H1'"  . DC  B 1 2 ? -2.554  -1.755 -5.012  1.00 0.00 ? 2 DC  B "H1'"  1 
ATOM   308 H H41    . DC  B 1 2 ? -5.369  -0.226 0.462   1.00 0.00 ? 2 DC  B H41    1 
ATOM   309 H H42    . DC  B 1 2 ? -5.756  1.385  -0.105  1.00 0.00 ? 2 DC  B H42    1 
ATOM   310 H H5     . DC  B 1 2 ? -5.201  2.164  -2.337  1.00 0.00 ? 2 DC  B H5     1 
ATOM   311 H H6     . DC  B 1 2 ? -4.124  1.575  -4.446  1.00 0.00 ? 2 DC  B H6     1 
ATOM   312 P P      . DT  B 1 3 ? -5.085  -0.785 -9.160  1.00 0.00 ? 3 DT  B P      1 
ATOM   313 O OP1    . DT  B 1 3 ? -4.876  -2.250 -9.138  1.00 0.00 ? 3 DT  B OP1    1 
ATOM   314 O OP2    . DT  B 1 3 ? -5.385  -0.106 -10.440 1.00 0.00 ? 3 DT  B OP2    1 
ATOM   315 O "O5'"  . DT  B 1 3 ? -6.258  -0.429 -8.110  1.00 0.00 ? 3 DT  B "O5'"  1 
ATOM   316 C "C5'"  . DT  B 1 3 ? -7.528  0.046  -8.569  1.00 0.00 ? 3 DT  B "C5'"  1 
ATOM   317 C "C4'"  . DT  B 1 3 ? -8.650  -0.286 -7.587  1.00 0.00 ? 3 DT  B "C4'"  1 
ATOM   318 O "O4'"  . DT  B 1 3 ? -8.268  0.054  -6.234  1.00 0.00 ? 3 DT  B "O4'"  1 
ATOM   319 C "C3'"  . DT  B 1 3 ? -9.910  0.501  -7.934  1.00 0.00 ? 3 DT  B "C3'"  1 
ATOM   320 O "O3'"  . DT  B 1 3 ? -11.056 -0.367 -7.993  1.00 0.00 ? 3 DT  B "O3'"  1 
ATOM   321 C "C2'"  . DT  B 1 3 ? -10.059 1.521  -6.833  1.00 0.00 ? 3 DT  B "C2'"  1 
ATOM   322 C "C1'"  . DT  B 1 3 ? -9.150  1.068  -5.704  1.00 0.00 ? 3 DT  B "C1'"  1 
ATOM   323 N N1     . DT  B 1 3 ? -8.380  2.202  -5.151  1.00 0.00 ? 3 DT  B N1     1 
ATOM   324 C C2     . DT  B 1 3 ? -8.771  2.702  -3.920  1.00 0.00 ? 3 DT  B C2     1 
ATOM   325 O O2     . DT  B 1 3 ? -9.723  2.238  -3.295  1.00 0.00 ? 3 DT  B O2     1 
ATOM   326 N N3     . DT  B 1 3 ? -8.026  3.758  -3.430  1.00 0.00 ? 3 DT  B N3     1 
ATOM   327 C C4     . DT  B 1 3 ? -6.942  4.349  -4.054  1.00 0.00 ? 3 DT  B C4     1 
ATOM   328 O O4     . DT  B 1 3 ? -6.351  5.287  -3.523  1.00 0.00 ? 3 DT  B O4     1 
ATOM   329 C C5     . DT  B 1 3 ? -6.607  3.762  -5.334  1.00 0.00 ? 3 DT  B C5     1 
ATOM   330 C C7     . DT  B 1 3 ? -5.429  4.315  -6.129  1.00 0.00 ? 3 DT  B C7     1 
ATOM   331 C C6     . DT  B 1 3 ? -7.319  2.729  -5.833  1.00 0.00 ? 3 DT  B C6     1 
ATOM   332 H "H5'"  . DT  B 1 3 ? -7.752  -0.414 -9.532  1.00 0.00 ? 3 DT  B "H5'"  1 
ATOM   333 H "H5''" . DT  B 1 3 ? -7.476  1.128  -8.697  1.00 0.00 ? 3 DT  B "H5''" 1 
ATOM   334 H "H4'"  . DT  B 1 3 ? -8.864  -1.353 -7.638  1.00 0.00 ? 3 DT  B "H4'"  1 
ATOM   335 H "H3'"  . DT  B 1 3 ? -9.775  1.012  -8.891  1.00 0.00 ? 3 DT  B "H3'"  1 
ATOM   336 H "H2'"  . DT  B 1 3 ? -9.742  2.501  -7.192  1.00 0.00 ? 3 DT  B "H2'"  1 
ATOM   337 H "H2''" . DT  B 1 3 ? -11.091 1.572  -6.491  1.00 0.00 ? 3 DT  B "H2''" 1 
ATOM   338 H "H1'"  . DT  B 1 3 ? -9.759  0.632  -4.912  1.00 0.00 ? 3 DT  B "H1'"  1 
ATOM   339 H H3     . DT  B 1 3 ? -8.300  4.133  -2.533  1.00 0.00 ? 3 DT  B H3     1 
ATOM   340 H H71    . DT  B 1 3 ? -5.775  5.117  -6.781  1.00 0.00 ? 3 DT  B H71    1 
ATOM   341 H H72    . DT  B 1 3 ? -4.993  3.519  -6.734  1.00 0.00 ? 3 DT  B H72    1 
ATOM   342 H H73    . DT  B 1 3 ? -4.676  4.703  -5.443  1.00 0.00 ? 3 DT  B H73    1 
ATOM   343 H H6     . DT  B 1 3 ? -7.047  2.311  -6.802  1.00 0.00 ? 3 DT  B H6     1 
ATOM   344 P P      . DT  B 1 4 ? -11.405 -1.193 -9.337  1.00 0.00 ? 4 DT  B P      1 
ATOM   345 O OP1    . DT  B 1 4 ? -10.169 -1.859 -9.804  1.00 0.00 ? 4 DT  B OP1    1 
ATOM   346 O OP2    . DT  B 1 4 ? -12.146 -0.294 -10.249 1.00 0.00 ? 4 DT  B OP2    1 
ATOM   347 O "O5'"  . DT  B 1 4 ? -12.423 -2.333 -8.805  1.00 0.00 ? 4 DT  B "O5'"  1 
ATOM   348 C "C5'"  . DT  B 1 4 ? -13.753 -2.460 -9.342  1.00 0.00 ? 4 DT  B "C5'"  1 
ATOM   349 C "C4'"  . DT  B 1 4 ? -14.816 -1.961 -8.359  1.00 0.00 ? 4 DT  B "C4'"  1 
ATOM   350 O "O4'"  . DT  B 1 4 ? -15.245 -3.023 -7.470  1.00 0.00 ? 4 DT  B "O4'"  1 
ATOM   351 C "C3'"  . DT  B 1 4 ? -14.252 -0.862 -7.488  1.00 0.00 ? 4 DT  B "C3'"  1 
ATOM   352 O "O3'"  . DT  B 1 4 ? -15.275 0.096  -7.160  1.00 0.00 ? 4 DT  B "O3'"  1 
ATOM   353 C "C2'"  . DT  B 1 4 ? -13.770 -1.598 -6.276  1.00 0.00 ? 4 DT  B "C2'"  1 
ATOM   354 C "C1'"  . DT  B 1 4 ? -14.659 -2.821 -6.162  1.00 0.00 ? 4 DT  B "C1'"  1 
ATOM   355 N N1     . DT  B 1 4 ? -13.901 -4.018 -5.746  1.00 0.00 ? 4 DT  B N1     1 
ATOM   356 C C2     . DT  B 1 4 ? -14.482 -4.859 -4.812  1.00 0.00 ? 4 DT  B C2     1 
ATOM   357 O O2     . DT  B 1 4 ? -15.573 -4.617 -4.298  1.00 0.00 ? 4 DT  B O2     1 
ATOM   358 N N3     . DT  B 1 4 ? -13.761 -5.992 -4.487  1.00 0.00 ? 4 DT  B N3     1 
ATOM   359 C C4     . DT  B 1 4 ? -12.529 -6.350 -5.005  1.00 0.00 ? 4 DT  B C4     1 
ATOM   360 O O4     . DT  B 1 4 ? -11.975 -7.387 -4.644  1.00 0.00 ? 4 DT  B O4     1 
ATOM   361 C C5     . DT  B 1 4 ? -12.001 -5.410 -5.969  1.00 0.00 ? 4 DT  B C5     1 
ATOM   362 C C7     . DT  B 1 4 ? -10.652 -5.682 -6.627  1.00 0.00 ? 4 DT  B C7     1 
ATOM   363 C C6     . DT  B 1 4 ? -12.687 -4.297 -6.299  1.00 0.00 ? 4 DT  B C6     1 
ATOM   364 H "H5'"  . DT  B 1 4 ? -13.944 -3.510 -9.568  1.00 0.00 ? 4 DT  B "H5'"  1 
ATOM   365 H "H5''" . DT  B 1 4 ? -13.821 -1.882 -10.263 1.00 0.00 ? 4 DT  B "H5''" 1 
ATOM   366 H "H4'"  . DT  B 1 4 ? -15.670 -1.588 -8.908  1.00 0.00 ? 4 DT  B "H4'"  1 
ATOM   367 H "H3'"  . DT  B 1 4 ? -13.417 -0.372 -7.988  1.00 0.00 ? 4 DT  B "H3'"  1 
ATOM   368 H "H2'"  . DT  B 1 4 ? -12.742 -1.908 -6.442  1.00 0.00 ? 4 DT  B "H2'"  1 
ATOM   369 H "H2''" . DT  B 1 4 ? -13.847 -0.982 -5.386  1.00 0.00 ? 4 DT  B "H2''" 1 
ATOM   370 H "H1'"  . DT  B 1 4 ? -15.445 -2.620 -5.429  1.00 0.00 ? 4 DT  B "H1'"  1 
ATOM   371 H H3     . DT  B 1 4 ? -14.171 -6.617 -3.807  1.00 0.00 ? 4 DT  B H3     1 
ATOM   372 H H71    . DT  B 1 4 ? -10.057 -6.332 -5.986  1.00 0.00 ? 4 DT  B H71    1 
ATOM   373 H H72    . DT  B 1 4 ? -10.124 -4.741 -6.782  1.00 0.00 ? 4 DT  B H72    1 
ATOM   374 H H73    . DT  B 1 4 ? -10.811 -6.170 -7.590  1.00 0.00 ? 4 DT  B H73    1 
ATOM   375 H H6     . DT  B 1 4 ? -12.263 -3.593 -7.013  1.00 0.00 ? 4 DT  B H6     1 
ATOM   376 P P      . DT  B 1 5 ? -15.118 1.108  -5.914  1.00 0.00 ? 5 DT  B P      1 
ATOM   377 O OP1    . DT  B 1 5 ? -16.209 2.106  -5.989  1.00 0.00 ? 5 DT  B OP1    1 
ATOM   378 O OP2    . DT  B 1 5 ? -13.709 1.560  -5.856  1.00 0.00 ? 5 DT  B OP2    1 
ATOM   379 O "O5'"  . DT  B 1 5 ? -15.399 0.149  -4.648  1.00 0.00 ? 5 DT  B "O5'"  1 
ATOM   380 C "C5'"  . DT  B 1 5 ? -14.581 0.233  -3.477  1.00 0.00 ? 5 DT  B "C5'"  1 
ATOM   381 C "C4'"  . DT  B 1 5 ? -15.012 -0.765 -2.406  1.00 0.00 ? 5 DT  B "C4'"  1 
ATOM   382 O "O4'"  . DT  B 1 5 ? -14.722 -2.124 -2.805  1.00 0.00 ? 5 DT  B "O4'"  1 
ATOM   383 C "C3'"  . DT  B 1 5 ? -14.269 -0.487 -1.109  1.00 0.00 ? 5 DT  B "C3'"  1 
ATOM   384 O "O3'"  . DT  B 1 5 ? -15.137 0.040  -0.095  1.00 0.00 ? 5 DT  B "O3'"  1 
ATOM   385 C "C2'"  . DT  B 1 5 ? -13.673 -1.803 -0.680  1.00 0.00 ? 5 DT  B "C2'"  1 
ATOM   386 C "C1'"  . DT  B 1 5 ? -14.062 -2.827 -1.727  1.00 0.00 ? 5 DT  B "C1'"  1 
ATOM   387 N N1     . DT  B 1 5 ? -12.872 -3.554 -2.210  1.00 0.00 ? 5 DT  B N1     1 
ATOM   388 C C2     . DT  B 1 5 ? -12.642 -4.824 -1.710  1.00 0.00 ? 5 DT  B C2     1 
ATOM   389 O O2     . DT  B 1 5 ? -13.399 -5.359 -0.900  1.00 0.00 ? 5 DT  B O2     1 
ATOM   390 N N3     . DT  B 1 5 ? -11.507 -5.461 -2.175  1.00 0.00 ? 5 DT  B N3     1 
ATOM   391 C C4     . DT  B 1 5 ? -10.598 -4.947 -3.083  1.00 0.00 ? 5 DT  B C4     1 
ATOM   392 O O4     . DT  B 1 5 ? -9.619  -5.607 -3.430  1.00 0.00 ? 5 DT  B O4     1 
ATOM   393 C C5     . DT  B 1 5 ? -10.923 -3.618 -3.551  1.00 0.00 ? 5 DT  B C5     1 
ATOM   394 C C7     . DT  B 1 5 ? -10.011 -2.931 -4.564  1.00 0.00 ? 5 DT  B C7     1 
ATOM   395 C C6     . DT  B 1 5 ? -12.025 -2.979 -3.111  1.00 0.00 ? 5 DT  B C6     1 
ATOM   396 H "H5'"  . DT  B 1 5 ? -14.650 1.242  -3.069  1.00 0.00 ? 5 DT  B "H5'"  1 
ATOM   397 H "H5''" . DT  B 1 5 ? -13.544 0.032  -3.751  1.00 0.00 ? 5 DT  B "H5''" 1 
ATOM   398 H "H4'"  . DT  B 1 5 ? -16.082 -0.668 -2.241  1.00 0.00 ? 5 DT  B "H4'"  1 
ATOM   399 H "H3'"  . DT  B 1 5 ? -13.468 0.224  -1.314  1.00 0.00 ? 5 DT  B "H3'"  1 
ATOM   400 H "H2'"  . DT  B 1 5 ? -12.587 -1.721 -0.624  1.00 0.00 ? 5 DT  B "H2'"  1 
ATOM   401 H "H2''" . DT  B 1 5 ? -14.074 -2.096 0.291   1.00 0.00 ? 5 DT  B "H2''" 1 
ATOM   402 H "H1'"  . DT  B 1 5 ? -14.759 -3.535 -1.286  1.00 0.00 ? 5 DT  B "H1'"  1 
ATOM   403 H H3     . DT  B 1 5 ? -11.325 -6.388 -1.820  1.00 0.00 ? 5 DT  B H3     1 
ATOM   404 H H71    . DT  B 1 5 ? -10.597 -2.616 -5.427  1.00 0.00 ? 5 DT  B H71    1 
ATOM   405 H H72    . DT  B 1 5 ? -9.236  -3.627 -4.885  1.00 0.00 ? 5 DT  B H72    1 
ATOM   406 H H73    . DT  B 1 5 ? -9.548  -2.058 -4.104  1.00 0.00 ? 5 DT  B H73    1 
ATOM   407 H H6     . DT  B 1 5 ? -12.248 -1.981 -3.477  1.00 0.00 ? 5 DT  B H6     1 
ATOM   408 P P      . DA  B 1 6 ? -14.567 0.395  1.378   1.00 0.00 ? 6 DA  B P      1 
ATOM   409 O OP1    . DA  B 1 6 ? -13.896 -0.807 1.923   1.00 0.00 ? 6 DA  B OP1    1 
ATOM   410 O OP2    . DA  B 1 6 ? -15.654 1.037  2.150   1.00 0.00 ? 6 DA  B OP2    1 
ATOM   411 O "O5'"  . DA  B 1 6 ? -13.439 1.512  1.082   1.00 0.00 ? 6 DA  B "O5'"  1 
ATOM   412 C "C5'"  . DA  B 1 6 ? -12.130 1.148  0.616   1.00 0.00 ? 6 DA  B "C5'"  1 
ATOM   413 C "C4'"  . DA  B 1 6 ? -11.222 0.688  1.752   1.00 0.00 ? 6 DA  B "C4'"  1 
ATOM   414 O "O4'"  . DA  B 1 6 ? -10.731 -0.643 1.481   1.00 0.00 ? 6 DA  B "O4'"  1 
ATOM   415 C "C3'"  . DA  B 1 6 ? -10.023 1.617  1.916   1.00 0.00 ? 6 DA  B "C3'"  1 
ATOM   416 O "O3'"  . DA  B 1 6 ? -10.010 2.214  3.221   1.00 0.00 ? 6 DA  B "O3'"  1 
ATOM   417 C "C2'"  . DA  B 1 6 ? -8.804  0.755  1.705   1.00 0.00 ? 6 DA  B "C2'"  1 
ATOM   418 C "C1'"  . DA  B 1 6 ? -9.301  -0.624 1.304   1.00 0.00 ? 6 DA  B "C1'"  1 
ATOM   419 N N9     . DA  B 1 6 ? -8.941  -0.908 -0.094  1.00 0.00 ? 6 DA  B N9     1 
ATOM   420 C C8     . DA  B 1 6 ? -9.256  -0.218 -1.207  1.00 0.00 ? 6 DA  B C8     1 
ATOM   421 N N7     . DA  B 1 6 ? -8.770  -0.633 -2.330  1.00 0.00 ? 6 DA  B N7     1 
ATOM   422 C C5     . DA  B 1 6 ? -8.035  -1.751 -1.918  1.00 0.00 ? 6 DA  B C5     1 
ATOM   423 C C6     . DA  B 1 6 ? -7.250  -2.680 -2.612  1.00 0.00 ? 6 DA  B C6     1 
ATOM   424 N N6     . DA  B 1 6 ? -7.039  -2.623 -3.928  1.00 0.00 ? 6 DA  B N6     1 
ATOM   425 N N1     . DA  B 1 6 ? -6.674  -3.660 -1.893  1.00 0.00 ? 6 DA  B N1     1 
ATOM   426 C C2     . DA  B 1 6 ? -6.853  -3.724 -0.572  1.00 0.00 ? 6 DA  B C2     1 
ATOM   427 N N3     . DA  B 1 6 ? -7.569  -2.896 0.183   1.00 0.00 ? 6 DA  B N3     1 
ATOM   428 C C4     . DA  B 1 6 ? -8.138  -1.926 -0.556  1.00 0.00 ? 6 DA  B C4     1 
ATOM   429 H "H5'"  . DA  B 1 6 ? -11.681 2.007  0.119   1.00 0.00 ? 6 DA  B "H5'"  1 
ATOM   430 H "H5''" . DA  B 1 6 ? -12.220 0.333  -0.099  1.00 0.00 ? 6 DA  B "H5''" 1 
ATOM   431 H "H4'"  . DA  B 1 6 ? -11.790 0.673  2.677   1.00 0.00 ? 6 DA  B "H4'"  1 
ATOM   432 H "H3'"  . DA  B 1 6 ? -10.054 2.395  1.151   1.00 0.00 ? 6 DA  B "H3'"  1 
ATOM   433 H "H2'"  . DA  B 1 6 ? -8.183  1.175  0.913   1.00 0.00 ? 6 DA  B "H2'"  1 
ATOM   434 H "H2''" . DA  B 1 6 ? -8.232  0.688  2.630   1.00 0.00 ? 6 DA  B "H2''" 1 
ATOM   435 H "H1'"  . DA  B 1 6 ? -8.848  -1.371 1.945   1.00 0.00 ? 6 DA  B "H1'"  1 
ATOM   436 H H8     . DA  B 1 6 ? -9.908  0.650  -1.154  1.00 0.00 ? 6 DA  B H8     1 
ATOM   437 H H61    . DA  B 1 6 ? -6.464  -3.321 -4.378  1.00 0.00 ? 6 DA  B H61    1 
ATOM   438 H H62    . DA  B 1 6 ? -7.452  -1.880 -4.475  1.00 0.00 ? 6 DA  B H62    1 
ATOM   439 H H2     . DA  B 1 6 ? -6.360  -4.547 -0.055  1.00 0.00 ? 6 DA  B H2     1 
ATOM   440 P P      . DC  B 1 7 ? -8.854  3.259  3.640   1.00 0.00 ? 7 DC  B P      1 
ATOM   441 O OP1    . DC  B 1 7 ? -9.278  3.945  4.882   1.00 0.00 ? 7 DC  B OP1    1 
ATOM   442 O OP2    . DC  B 1 7 ? -8.491  4.055  2.446   1.00 0.00 ? 7 DC  B OP2    1 
ATOM   443 O "O5'"  . DC  B 1 7 ? -7.619  2.288  4.001   1.00 0.00 ? 7 DC  B "O5'"  1 
ATOM   444 C "C5'"  . DC  B 1 7 ? -6.272  2.654  3.679   1.00 0.00 ? 7 DC  B "C5'"  1 
ATOM   445 C "C4'"  . DC  B 1 7 ? -5.271  1.720  4.355   1.00 0.00 ? 7 DC  B "C4'"  1 
ATOM   446 O "O4'"  . DC  B 1 7 ? -4.792  0.720  3.429   1.00 0.00 ? 7 DC  B "O4'"  1 
ATOM   447 C "C3'"  . DC  B 1 7 ? -4.070  2.486  4.897   1.00 0.00 ? 7 DC  B "C3'"  1 
ATOM   448 O "O3'"  . DC  B 1 7 ? -4.026  2.427  6.326   1.00 0.00 ? 7 DC  B "O3'"  1 
ATOM   449 C "C2'"  . DC  B 1 7 ? -2.856  1.829  4.294   1.00 0.00 ? 7 DC  B "C2'"  1 
ATOM   450 C "C1'"  . DC  B 1 7 ? -3.364  0.830  3.267   1.00 0.00 ? 7 DC  B "C1'"  1 
ATOM   451 N N1     . DC  B 1 7 ? -3.043  1.306  1.915   1.00 0.00 ? 7 DC  B N1     1 
ATOM   452 C C2     . DC  B 1 7 ? -2.259  0.502  1.103   1.00 0.00 ? 7 DC  B C2     1 
ATOM   453 O O2     . DC  B 1 7 ? -1.888  -0.602 1.497   1.00 0.00 ? 7 DC  B O2     1 
ATOM   454 N N3     . DC  B 1 7 ? -1.929  0.966  -0.132  1.00 0.00 ? 7 DC  B N3     1 
ATOM   455 C C4     . DC  B 1 7 ? -2.348  2.166  -0.551  1.00 0.00 ? 7 DC  B C4     1 
ATOM   456 N N4     . DC  B 1 7 ? -2.003  2.587  -1.767  1.00 0.00 ? 7 DC  B N4     1 
ATOM   457 C C5     . DC  B 1 7 ? -3.160  2.997  0.289   1.00 0.00 ? 7 DC  B C5     1 
ATOM   458 C C6     . DC  B 1 7 ? -3.483  2.525  1.505   1.00 0.00 ? 7 DC  B C6     1 
ATOM   459 H "H5'"  . DC  B 1 7 ? -6.092  3.676  4.011   1.00 0.00 ? 7 DC  B "H5'"  1 
ATOM   460 H "H5''" . DC  B 1 7 ? -6.137  2.600  2.598   1.00 0.00 ? 7 DC  B "H5''" 1 
ATOM   461 H "H4'"  . DC  B 1 7 ? -5.762  1.222  5.178   1.00 0.00 ? 7 DC  B "H4'"  1 
ATOM   462 H "H3'"  . DC  B 1 7 ? -4.120  3.526  4.567   1.00 0.00 ? 7 DC  B "H3'"  1 
ATOM   463 H "H2'"  . DC  B 1 7 ? -2.233  2.580  3.804   1.00 0.00 ? 7 DC  B "H2'"  1 
ATOM   464 H "H2''" . DC  B 1 7 ? -2.285  1.315  5.067   1.00 0.00 ? 7 DC  B "H2''" 1 
ATOM   465 H "H1'"  . DC  B 1 7 ? -2.898  -0.140 3.433   1.00 0.00 ? 7 DC  B "H1'"  1 
ATOM   466 H H41    . DC  B 1 7 ? -1.435  1.999  -2.359  1.00 0.00 ? 7 DC  B H41    1 
ATOM   467 H H42    . DC  B 1 7 ? -2.311  3.492  -2.097  1.00 0.00 ? 7 DC  B H42    1 
ATOM   468 H H5     . DC  B 1 7 ? -3.492  3.979  -0.040  1.00 0.00 ? 7 DC  B H5     1 
ATOM   469 H H6     . DC  B 1 7 ? -4.116  3.117  2.173   1.00 0.00 ? 7 DC  B H6     1 
ATOM   470 P P      . DC  B 1 8 ? -3.225  3.543  7.170   1.00 0.00 ? 8 DC  B P      1 
ATOM   471 O OP1    . DC  B 1 8 ? -4.201  4.279  8.005   1.00 0.00 ? 8 DC  B OP1    1 
ATOM   472 O OP2    . DC  B 1 8 ? -2.340  4.285  6.242   1.00 0.00 ? 8 DC  B OP2    1 
ATOM   473 O "O5'"  . DC  B 1 8 ? -2.304  2.647  8.142   1.00 0.00 ? 8 DC  B "O5'"  1 
ATOM   474 C "C5'"  . DC  B 1 8 ? -0.910  2.931  8.303   1.00 0.00 ? 8 DC  B "C5'"  1 
ATOM   475 C "C4'"  . DC  B 1 8 ? -0.061  1.670  8.155   1.00 0.00 ? 8 DC  B "C4'"  1 
ATOM   476 O "O4'"  . DC  B 1 8 ? 0.154   1.359  6.760   1.00 0.00 ? 8 DC  B "O4'"  1 
ATOM   477 C "C3'"  . DC  B 1 8 ? 1.297   1.846  8.821   1.00 0.00 ? 8 DC  B "C3'"  1 
ATOM   478 O "O3'"  . DC  B 1 8 ? 1.435   0.968  9.940   1.00 0.00 ? 8 DC  B "O3'"  1 
ATOM   479 C "C2'"  . DC  B 1 8 ? 2.323   1.534  7.762   1.00 0.00 ? 8 DC  B "C2'"  1 
ATOM   480 C "C1'"  . DC  B 1 8 ? 1.565   1.253  6.475   1.00 0.00 ? 8 DC  B "C1'"  1 
ATOM   481 N N1     . DC  B 1 8 ? 1.959   2.207  5.415   1.00 0.00 ? 8 DC  B N1     1 
ATOM   482 C C2     . DC  B 1 8 ? 2.616   1.699  4.300   1.00 0.00 ? 8 DC  B C2     1 
ATOM   483 O O2     . DC  B 1 8 ? 2.870   0.498  4.220   1.00 0.00 ? 8 DC  B O2     1 
ATOM   484 N N3     . DC  B 1 8 ? 2.978   2.568  3.319   1.00 0.00 ? 8 DC  B N3     1 
ATOM   485 C C4     . DC  B 1 8 ? 2.714   3.877  3.421   1.00 0.00 ? 8 DC  B C4     1 
ATOM   486 N N4     . DC  B 1 8 ? 3.085   4.695  2.436   1.00 0.00 ? 8 DC  B N4     1 
ATOM   487 C C5     . DC  B 1 8 ? 2.040   4.403  4.566   1.00 0.00 ? 8 DC  B C5     1 
ATOM   488 C C6     . DC  B 1 8 ? 1.683   3.539  5.533   1.00 0.00 ? 8 DC  B C6     1 
ATOM   489 H "H5'"  . DC  B 1 8 ? -0.747  3.358  9.293   1.00 0.00 ? 8 DC  B "H5'"  1 
ATOM   490 H "H5''" . DC  B 1 8 ? -0.605  3.656  7.549   1.00 0.00 ? 8 DC  B "H5''" 1 
ATOM   491 H "H4'"  . DC  B 1 8 ? -0.583  0.837  8.625   1.00 0.00 ? 8 DC  B "H4'"  1 
ATOM   492 H "H3'"  . DC  B 1 8 ? 1.414   2.883  9.144   1.00 0.00 ? 8 DC  B "H3'"  1 
ATOM   493 H "HO3'" . DC  B 1 8 ? 2.363   0.965  10.186  1.00 0.00 ? 8 DC  B "HO3'" 1 
ATOM   494 H "H2'"  . DC  B 1 8 ? 2.989   2.386  7.627   1.00 0.00 ? 8 DC  B "H2'"  1 
ATOM   495 H "H2''" . DC  B 1 8 ? 2.900   0.656  8.053   1.00 0.00 ? 8 DC  B "H2''" 1 
ATOM   496 H "H1'"  . DC  B 1 8 ? 1.788   0.240  6.144   1.00 0.00 ? 8 DC  B "H1'"  1 
ATOM   497 H H41    . DC  B 1 8 ? 3.561   4.323  1.626   1.00 0.00 ? 8 DC  B H41    1 
ATOM   498 H H42    . DC  B 1 8 ? 2.890   5.684  2.499   1.00 0.00 ? 8 DC  B H42    1 
ATOM   499 H H5     . DC  B 1 8 ? 1.826   5.470  4.655   1.00 0.00 ? 8 DC  B H5     1 
ATOM   500 H H6     . DC  B 1 8 ? 1.174   3.906  6.424   1.00 0.00 ? 8 DC  B H6     1 
# 
